data_8G86
#
_entry.id   8G86
#
_cell.length_a   1.00
_cell.length_b   1.00
_cell.length_c   1.00
_cell.angle_alpha   90.00
_cell.angle_beta   90.00
_cell.angle_gamma   90.00
#
_symmetry.space_group_name_H-M   'P 1'
#
loop_
_entity.id
_entity.type
_entity.pdbx_description
1 polymer 'Histone H3'
2 polymer 'Histone H4'
3 polymer 'Histone H2A'
4 polymer 'Histone H2B'
5 polymer 'nMatn1 DNA (top stand)'
6 polymer 'nMatn1 DNA (bottom strand)'
#
loop_
_entity_poly.entity_id
_entity_poly.type
_entity_poly.pdbx_seq_one_letter_code
_entity_poly.pdbx_strand_id
1 'polypeptide(L)'
;ARTKQTARKSTGGKAPRKQLATKAARKSAPATGGVKKPHRYRPGTVALREIRRYQKSTELLIRKLPFQRLVREIAQDFKT
DLRFQSSAVMALQEASEAYLVALFEDTNLCAIHAKRVTIMPKDIQLARRIRGERA
;
A,E
2 'polypeptide(L)'
;SGRGKGGKGLGKGGAKRHRKVLRDNIQGITKPAIRRLARRGGVKRISGLIYEETRGVLKVFLENVIRDAVTYTEHAKRKT
VTAMDVVYALKRQGRTLYGFGG
;
B,F
3 'polypeptide(L)'
;SGRGKQGGKTRAKAKTRSSRAGLQFPVGRVHRLLRKGNYAERVGAGAPVYLAAVLEYLTAEILELAGNAARDNKKTRIIP
RHLQLAVRNDEELNKLLGRVTIAQGGVLPNIQSVLLPKKTESSKSAKSK
;
C,G
4 'polypeptide(L)'
;AKSAPAPKKGSKKAVTKTQKKDGKKRRKTRKESYAIYVYKVLKQVHPDTGISSKAMSIMNSFVNDVFERIAGEASRLAHY
NKRSTITSREIQTAVRLLLPGELAKHAVSEGTKAVTKYTSAK
;
D,H
5 'polydeoxyribonucleotide'
;(DA)(DC)(DA)(DT)(DG)(DC)(DA)(DC)(DA)(DC)(DA)(DT)(DG)(DC)(DT)(DA)(DA)(DT)(DA)(DT)
(DA)(DT)(DG)(DC)(DA)(DC)(DA)(DC)(DA)(DA)(DT)(DG)(DC)(DA)(DC)(DA)(DC)(DA)(DG)(DG)
(DT)(DT)(DA)(DA)(DT)(DA)(DT)(DA)(DT)(DA)(DC)(DA)(DC)(DA)(DT)(DA)(DC)(DA)(DC)(DA)
(DC)(DA)(DC)(DA)(DT)(DG)(DC)(DA)(DC)(DA)(DC)(DA)(DC)(DA)(DC)(DG)(DT)(DG)(DC)(DA)
(DC)(DA)(DC)(DA)(DT)(DA)(DT)(DA)(DT)(DG)(DC)(DA)(DC)(DA)(DT)(DG)(DC)(DA)(DT)(DG)
(DC)(DA)(DC)(DA)(DC)(DA)(DC)(DG)(DT)(DA)(DT)(DA)(DT)(DG)(DC)(DA)(DC)(DA)(DC)(DA)
(DC)(DA)(DT)(DG)(DC)(DA)(DC)(DA)(DT)(DG)(DC)(DA)(DT)(DG)(DC)(DG)(DC)(DA)(DC)(DA)
(DT)(DA)(DG)(DT)(DC)(DA)(DC)(DA)(DC)(DA)(DC)(DA)(DT)(DG)(DC)(DA)(DC)(DA)(DC)(DA)
(DT)(DT)(DA)(DG)(DC)(DA)(DT)(DA)(DT)(DG)(DC)(DA)(DT)(DA)(DC)(DA)(DC)(DA)(DT)(DA)
(DC)(DA)(DT)(DG)(DC)(DA)
;
I
6 'polydeoxyribonucleotide'
;(DT)(DG)(DC)(DA)(DT)(DG)(DT)(DA)(DT)(DG)(DT)(DG)(DT)(DA)(DT)(DG)(DC)(DA)(DT)(DA)
(DT)(DG)(DC)(DT)(DA)(DA)(DT)(DG)(DT)(DG)(DT)(DG)(DC)(DA)(DT)(DG)(DT)(DG)(DT)(DG)
(DT)(DG)(DA)(DC)(DT)(DA)(DT)(DG)(DT)(DG)(DC)(DG)(DC)(DA)(DT)(DG)(DC)(DA)(DT)(DG)
(DT)(DG)(DC)(DA)(DT)(DG)(DT)(DG)(DT)(DG)(DT)(DG)(DC)(DA)(DT)(DA)(DT)(DA)(DC)(DG)
(DT)(DG)(DT)(DG)(DT)(DG)(DC)(DA)(DT)(DG)(DC)(DA)(DT)(DG)(DT)(DG)(DC)(DA)(DT)(DA)
(DT)(DA)(DT)(DG)(DT)(DG)(DT)(DG)(DC)(DA)(DC)(DG)(DT)(DG)(DT)(DG)(DT)(DG)(DT)(DG)
(DC)(DA)(DT)(DG)(DT)(DG)(DT)(DG)(DT)(DG)(DT)(DA)(DT)(DG)(DT)(DG)(DT)(DA)(DT)(DA)
(DT)(DA)(DT)(DT)(DA)(DA)(DC)(DC)(DT)(DG)(DT)(DG)(DT)(DG)(DC)(DA)(DT)(DT)(DG)(DT)
(DG)(DT)(DG)(DC)(DA)(DT)(DA)(DT)(DA)(DT)(DT)(DA)(DG)(DC)(DA)(DT)(DG)(DT)(DG)(DT)
(DG)(DC)(DA)(DT)(DG)(DT)
;
J
#
# COMPACT_ATOMS: atom_id res chain seq x y z
N PRO A 38 -21.86 -44.75 -24.00
CA PRO A 38 -22.27 -43.59 -23.21
C PRO A 38 -21.56 -42.31 -23.64
N HIS A 39 -22.26 -41.18 -23.55
CA HIS A 39 -21.68 -39.91 -23.94
C HIS A 39 -20.58 -39.49 -22.97
N ARG A 40 -19.47 -38.99 -23.52
CA ARG A 40 -18.35 -38.51 -22.73
C ARG A 40 -17.81 -37.24 -23.35
N TYR A 41 -17.76 -36.17 -22.56
CA TYR A 41 -17.14 -34.94 -23.02
C TYR A 41 -15.63 -35.09 -23.00
N ARG A 42 -14.96 -34.48 -23.97
CA ARG A 42 -13.52 -34.57 -24.05
C ARG A 42 -12.88 -33.75 -22.93
N PRO A 43 -11.67 -34.11 -22.51
CA PRO A 43 -11.04 -33.39 -21.39
C PRO A 43 -10.91 -31.91 -21.69
N GLY A 44 -11.24 -31.10 -20.68
CA GLY A 44 -11.21 -29.66 -20.81
C GLY A 44 -12.50 -29.04 -21.29
N THR A 45 -13.44 -29.83 -21.82
CA THR A 45 -14.69 -29.28 -22.31
C THR A 45 -15.59 -28.83 -21.17
N VAL A 46 -15.76 -29.68 -20.15
CA VAL A 46 -16.58 -29.29 -19.01
C VAL A 46 -15.81 -28.39 -18.05
N ALA A 47 -14.48 -28.43 -18.08
CA ALA A 47 -13.69 -27.48 -17.31
C ALA A 47 -13.96 -26.06 -17.78
N LEU A 48 -14.08 -25.86 -19.09
CA LEU A 48 -14.43 -24.55 -19.62
C LEU A 48 -15.86 -24.16 -19.27
N ARG A 49 -16.77 -25.13 -19.21
CA ARG A 49 -18.13 -24.85 -18.78
C ARG A 49 -18.16 -24.37 -17.34
N GLU A 50 -17.34 -24.96 -16.48
CA GLU A 50 -17.28 -24.51 -15.09
C GLU A 50 -16.69 -23.12 -14.97
N ILE A 51 -15.70 -22.79 -15.81
CA ILE A 51 -15.13 -21.44 -15.78
C ILE A 51 -16.20 -20.41 -16.11
N ARG A 52 -16.99 -20.68 -17.15
CA ARG A 52 -18.07 -19.76 -17.50
C ARG A 52 -19.13 -19.70 -16.41
N ARG A 53 -19.44 -20.85 -15.80
CA ARG A 53 -20.47 -20.88 -14.77
C ARG A 53 -20.05 -20.11 -13.53
N TYR A 54 -18.83 -20.36 -13.03
CA TYR A 54 -18.39 -19.74 -11.79
C TYR A 54 -17.92 -18.31 -11.96
N GLN A 55 -17.65 -17.86 -13.18
CA GLN A 55 -17.37 -16.46 -13.42
C GLN A 55 -18.63 -15.63 -13.65
N LYS A 56 -19.78 -16.28 -13.79
CA LYS A 56 -21.06 -15.58 -13.88
C LYS A 56 -21.70 -15.36 -12.52
N SER A 57 -21.41 -16.23 -11.55
CA SER A 57 -22.04 -16.19 -10.24
C SER A 57 -21.13 -15.50 -9.21
N THR A 58 -21.71 -15.25 -8.04
CA THR A 58 -21.01 -14.53 -6.98
C THR A 58 -21.04 -15.23 -5.63
N GLU A 59 -21.64 -16.41 -5.53
CA GLU A 59 -21.77 -17.05 -4.23
C GLU A 59 -20.42 -17.57 -3.74
N LEU A 60 -20.32 -17.75 -2.43
CA LEU A 60 -19.11 -18.32 -1.85
C LEU A 60 -18.92 -19.75 -2.34
N LEU A 61 -17.67 -20.11 -2.62
CA LEU A 61 -17.35 -21.40 -3.19
C LEU A 61 -16.83 -22.40 -2.17
N ILE A 62 -16.41 -21.94 -1.00
CA ILE A 62 -16.02 -22.81 0.10
C ILE A 62 -17.23 -23.01 0.99
N ARG A 63 -17.44 -24.24 1.46
CA ARG A 63 -18.55 -24.51 2.36
C ARG A 63 -18.38 -23.71 3.65
N LYS A 64 -19.50 -23.17 4.13
CA LYS A 64 -19.43 -22.21 5.23
C LYS A 64 -19.00 -22.87 6.53
N LEU A 65 -19.58 -24.03 6.87
CA LEU A 65 -19.29 -24.65 8.15
C LEU A 65 -17.83 -25.09 8.27
N PRO A 66 -17.24 -25.80 7.31
CA PRO A 66 -15.80 -26.13 7.45
C PRO A 66 -14.91 -24.91 7.51
N PHE A 67 -15.26 -23.83 6.81
CA PHE A 67 -14.45 -22.61 6.89
C PHE A 67 -14.55 -21.98 8.27
N GLN A 68 -15.74 -21.99 8.86
CA GLN A 68 -15.91 -21.45 10.21
C GLN A 68 -15.08 -22.23 11.21
N ARG A 69 -15.02 -23.56 11.07
CA ARG A 69 -14.19 -24.37 11.94
C ARG A 69 -12.72 -24.05 11.75
N LEU A 70 -12.31 -23.79 10.51
CA LEU A 70 -10.93 -23.43 10.24
C LEU A 70 -10.57 -22.08 10.88
N VAL A 71 -11.49 -21.12 10.82
CA VAL A 71 -11.22 -19.80 11.39
C VAL A 71 -11.06 -19.90 12.90
N ARG A 72 -11.95 -20.65 13.56
CA ARG A 72 -11.88 -20.78 15.02
C ARG A 72 -10.62 -21.53 15.44
N GLU A 73 -10.22 -22.55 14.68
CA GLU A 73 -9.00 -23.29 15.00
C GLU A 73 -7.78 -22.38 14.93
N ILE A 74 -7.70 -21.52 13.91
CA ILE A 74 -6.56 -20.64 13.77
C ILE A 74 -6.53 -19.60 14.88
N ALA A 75 -7.70 -19.08 15.26
CA ALA A 75 -7.77 -18.08 16.31
C ALA A 75 -7.44 -18.65 17.69
N GLN A 76 -7.43 -19.97 17.84
CA GLN A 76 -7.07 -20.57 19.13
C GLN A 76 -5.63 -20.27 19.50
N ASP A 77 -4.74 -20.21 18.51
CA ASP A 77 -3.34 -19.92 18.78
C ASP A 77 -3.10 -18.49 19.23
N PHE A 78 -4.11 -17.62 19.13
CA PHE A 78 -4.02 -16.25 19.59
C PHE A 78 -4.78 -15.99 20.89
N LYS A 79 -5.96 -16.59 21.05
CA LYS A 79 -6.71 -16.50 22.29
C LYS A 79 -7.45 -17.81 22.53
N THR A 80 -7.87 -18.00 23.79
CA THR A 80 -8.80 -19.04 24.16
C THR A 80 -10.15 -18.42 24.47
N ASP A 81 -11.22 -19.22 24.31
CA ASP A 81 -12.59 -18.79 24.57
C ASP A 81 -12.95 -17.56 23.73
N LEU A 82 -12.61 -17.65 22.44
CA LEU A 82 -12.92 -16.59 21.48
C LEU A 82 -14.26 -16.83 20.83
N ARG A 83 -15.11 -15.81 20.83
CA ARG A 83 -16.38 -15.84 20.12
C ARG A 83 -16.28 -14.99 18.86
N PHE A 84 -17.07 -15.35 17.85
CA PHE A 84 -17.06 -14.66 16.58
C PHE A 84 -18.47 -14.20 16.23
N GLN A 85 -18.58 -12.96 15.76
CA GLN A 85 -19.82 -12.53 15.13
C GLN A 85 -20.02 -13.28 13.82
N SER A 86 -21.29 -13.54 13.50
CA SER A 86 -21.59 -14.28 12.27
C SER A 86 -21.11 -13.52 11.04
N SER A 87 -21.18 -12.19 11.07
CA SER A 87 -20.70 -11.40 9.94
C SER A 87 -19.18 -11.32 9.90
N ALA A 88 -18.52 -11.51 11.05
CA ALA A 88 -17.06 -11.51 11.07
C ALA A 88 -16.51 -12.70 10.28
N VAL A 89 -17.10 -13.88 10.46
CA VAL A 89 -16.65 -15.05 9.72
C VAL A 89 -16.97 -14.89 8.24
N MET A 90 -18.13 -14.30 7.92
CA MET A 90 -18.50 -14.06 6.53
C MET A 90 -17.53 -13.08 5.87
N ALA A 91 -17.13 -12.04 6.61
CA ALA A 91 -16.13 -11.11 6.08
C ALA A 91 -14.81 -11.81 5.82
N LEU A 92 -14.40 -12.69 6.73
CA LEU A 92 -13.17 -13.45 6.53
C LEU A 92 -13.26 -14.35 5.31
N GLN A 93 -14.41 -15.01 5.12
CA GLN A 93 -14.56 -15.91 3.97
C GLN A 93 -14.60 -15.13 2.67
N GLU A 94 -15.25 -13.96 2.66
CA GLU A 94 -15.29 -13.14 1.46
C GLU A 94 -13.89 -12.68 1.05
N ALA A 95 -13.10 -12.23 2.03
CA ALA A 95 -11.73 -11.80 1.72
C ALA A 95 -10.86 -12.98 1.32
N SER A 96 -11.03 -14.13 1.98
CA SER A 96 -10.21 -15.30 1.69
C SER A 96 -10.45 -15.81 0.27
N GLU A 97 -11.72 -15.90 -0.14
CA GLU A 97 -12.02 -16.40 -1.48
C GLU A 97 -11.60 -15.41 -2.55
N ALA A 98 -11.78 -14.11 -2.28
CA ALA A 98 -11.32 -13.10 -3.24
C ALA A 98 -9.80 -13.14 -3.38
N TYR A 99 -9.09 -13.32 -2.26
CA TYR A 99 -7.63 -13.42 -2.33
C TYR A 99 -7.19 -14.65 -3.12
N LEU A 100 -7.85 -15.78 -2.90
CA LEU A 100 -7.46 -17.01 -3.59
C LEU A 100 -7.79 -16.95 -5.08
N VAL A 101 -8.94 -16.36 -5.43
CA VAL A 101 -9.32 -16.24 -6.84
C VAL A 101 -8.35 -15.33 -7.57
N ALA A 102 -7.98 -14.20 -6.96
CA ALA A 102 -7.00 -13.32 -7.57
C ALA A 102 -5.64 -14.01 -7.71
N LEU A 103 -5.27 -14.82 -6.72
CA LEU A 103 -4.02 -15.56 -6.81
C LEU A 103 -4.07 -16.58 -7.94
N PHE A 104 -5.21 -17.23 -8.13
CA PHE A 104 -5.33 -18.20 -9.22
C PHE A 104 -5.28 -17.52 -10.58
N GLU A 105 -5.79 -16.29 -10.70
CA GLU A 105 -5.66 -15.55 -11.95
C GLU A 105 -4.20 -15.25 -12.25
N ASP A 106 -3.44 -14.83 -11.24
CA ASP A 106 -2.01 -14.61 -11.44
C ASP A 106 -1.27 -15.91 -11.68
N THR A 107 -1.67 -16.98 -10.99
CA THR A 107 -1.05 -18.29 -11.19
C THR A 107 -1.29 -18.80 -12.60
N ASN A 108 -2.50 -18.56 -13.13
CA ASN A 108 -2.82 -19.01 -14.49
C ASN A 108 -1.94 -18.31 -15.52
N LEU A 109 -1.66 -17.03 -15.32
CA LEU A 109 -0.81 -16.30 -16.26
C LEU A 109 0.62 -16.83 -16.25
N CYS A 110 1.12 -17.22 -15.06
CA CYS A 110 2.45 -17.81 -14.99
C CYS A 110 2.51 -19.14 -15.73
N ALA A 111 1.48 -19.98 -15.59
CA ALA A 111 1.45 -21.25 -16.31
C ALA A 111 1.39 -21.03 -17.82
N ILE A 112 0.56 -20.09 -18.27
CA ILE A 112 0.47 -19.79 -19.69
C ILE A 112 1.78 -19.20 -20.20
N HIS A 113 2.44 -18.39 -19.37
CA HIS A 113 3.75 -17.84 -19.73
C HIS A 113 4.76 -18.95 -19.99
N ALA A 114 4.69 -20.04 -19.22
CA ALA A 114 5.55 -21.19 -19.41
C ALA A 114 5.03 -22.15 -20.47
N LYS A 115 4.07 -21.71 -21.29
CA LYS A 115 3.51 -22.51 -22.38
C LYS A 115 2.85 -23.78 -21.86
N ARG A 116 2.12 -23.66 -20.75
CA ARG A 116 1.34 -24.75 -20.20
C ARG A 116 -0.10 -24.29 -20.00
N VAL A 117 -0.99 -25.26 -19.78
CA VAL A 117 -2.38 -24.98 -19.47
C VAL A 117 -2.78 -25.44 -18.09
N THR A 118 -1.91 -26.14 -17.37
CA THR A 118 -2.21 -26.60 -16.02
C THR A 118 -1.32 -25.87 -15.02
N ILE A 119 -1.95 -25.32 -13.99
CA ILE A 119 -1.22 -24.62 -12.94
C ILE A 119 -0.51 -25.63 -12.05
N MET A 120 0.67 -25.26 -11.58
CA MET A 120 1.51 -26.09 -10.75
C MET A 120 1.97 -25.30 -9.54
N PRO A 121 2.42 -25.97 -8.47
CA PRO A 121 2.84 -25.22 -7.28
C PRO A 121 3.90 -24.19 -7.54
N LYS A 122 4.82 -24.44 -8.48
CA LYS A 122 5.82 -23.42 -8.81
C LYS A 122 5.20 -22.20 -9.47
N ASP A 123 4.06 -22.36 -10.15
CA ASP A 123 3.34 -21.21 -10.68
C ASP A 123 2.80 -20.35 -9.55
N ILE A 124 2.25 -20.97 -8.50
CA ILE A 124 1.78 -20.22 -7.34
C ILE A 124 2.95 -19.55 -6.63
N GLN A 125 4.06 -20.26 -6.49
CA GLN A 125 5.23 -19.71 -5.79
C GLN A 125 5.78 -18.50 -6.54
N LEU A 126 5.82 -18.57 -7.87
CA LEU A 126 6.29 -17.43 -8.65
C LEU A 126 5.36 -16.23 -8.50
N ALA A 127 4.05 -16.45 -8.57
CA ALA A 127 3.10 -15.34 -8.47
C ALA A 127 3.19 -14.64 -7.12
N ARG A 128 3.32 -15.42 -6.05
CA ARG A 128 3.45 -14.82 -4.72
C ARG A 128 4.78 -14.08 -4.58
N ARG A 129 5.84 -14.63 -5.18
CA ARG A 129 7.15 -13.97 -5.12
C ARG A 129 7.11 -12.62 -5.83
N ILE A 130 6.51 -12.56 -7.02
CA ILE A 130 6.39 -11.29 -7.73
C ILE A 130 5.49 -10.33 -6.96
N ARG A 131 4.38 -10.85 -6.41
CA ARG A 131 3.47 -10.02 -5.63
C ARG A 131 4.10 -9.49 -4.36
N GLY A 132 5.19 -10.11 -3.88
CA GLY A 132 5.78 -9.76 -2.62
C GLY A 132 5.18 -10.45 -1.42
N GLU A 133 4.39 -11.49 -1.62
CA GLU A 133 3.77 -12.24 -0.54
C GLU A 133 4.66 -13.39 -0.06
N ARG A 134 5.91 -13.07 0.28
CA ARG A 134 6.87 -14.08 0.69
C ARG A 134 7.87 -13.53 1.69
N LEU B 22 -11.40 -28.61 17.85
CA LEU B 22 -11.07 -28.08 16.54
C LEU B 22 -9.66 -28.49 16.14
N ARG B 23 -9.54 -29.64 15.49
CA ARG B 23 -8.26 -30.19 15.07
C ARG B 23 -8.30 -30.55 13.61
N ASP B 24 -7.29 -30.11 12.86
CA ASP B 24 -7.10 -30.46 11.45
C ASP B 24 -8.33 -30.07 10.61
N ASN B 25 -8.65 -28.79 10.66
CA ASN B 25 -9.76 -28.24 9.89
C ASN B 25 -9.33 -27.73 8.52
N ILE B 26 -8.03 -27.75 8.21
CA ILE B 26 -7.57 -27.29 6.91
C ILE B 26 -8.04 -28.23 5.81
N GLN B 27 -8.23 -29.51 6.12
CA GLN B 27 -8.77 -30.45 5.15
C GLN B 27 -10.24 -30.20 4.85
N GLY B 28 -10.91 -29.34 5.64
CA GLY B 28 -12.25 -28.92 5.29
C GLY B 28 -12.31 -28.08 4.03
N ILE B 29 -11.19 -27.50 3.63
CA ILE B 29 -11.08 -26.86 2.32
C ILE B 29 -10.84 -27.97 1.31
N THR B 30 -11.91 -28.52 0.76
CA THR B 30 -11.85 -29.75 0.00
C THR B 30 -11.30 -29.50 -1.41
N LYS B 31 -10.95 -30.61 -2.07
CA LYS B 31 -10.53 -30.53 -3.47
C LYS B 31 -11.56 -29.87 -4.37
N PRO B 32 -12.86 -30.25 -4.33
CA PRO B 32 -13.83 -29.53 -5.18
C PRO B 32 -13.93 -28.04 -4.86
N ALA B 33 -13.76 -27.65 -3.60
CA ALA B 33 -13.81 -26.23 -3.26
C ALA B 33 -12.64 -25.48 -3.88
N ILE B 34 -11.44 -26.05 -3.83
CA ILE B 34 -10.28 -25.40 -4.43
C ILE B 34 -10.43 -25.33 -5.95
N ARG B 35 -10.99 -26.38 -6.55
CA ARG B 35 -11.20 -26.38 -8.00
C ARG B 35 -12.20 -25.29 -8.41
N ARG B 36 -13.26 -25.10 -7.63
CA ARG B 36 -14.21 -24.05 -7.94
C ARG B 36 -13.56 -22.67 -7.88
N LEU B 37 -12.71 -22.45 -6.89
CA LEU B 37 -11.98 -21.18 -6.80
C LEU B 37 -11.07 -20.98 -8.01
N ALA B 38 -10.44 -22.06 -8.48
CA ALA B 38 -9.59 -21.96 -9.66
C ALA B 38 -10.41 -21.69 -10.91
N ARG B 39 -11.61 -22.28 -11.01
CA ARG B 39 -12.47 -22.02 -12.16
C ARG B 39 -12.88 -20.55 -12.24
N ARG B 40 -13.24 -19.96 -11.09
CA ARG B 40 -13.54 -18.53 -11.07
C ARG B 40 -12.34 -17.70 -11.47
N GLY B 41 -11.13 -18.19 -11.19
CA GLY B 41 -9.91 -17.56 -11.63
C GLY B 41 -9.52 -17.84 -13.06
N GLY B 42 -10.32 -18.62 -13.78
CA GLY B 42 -10.05 -18.90 -15.17
C GLY B 42 -9.10 -20.04 -15.43
N VAL B 43 -8.85 -20.89 -14.44
CA VAL B 43 -7.91 -22.00 -14.58
C VAL B 43 -8.63 -23.18 -15.22
N LYS B 44 -8.02 -23.74 -16.27
CA LYS B 44 -8.61 -24.83 -17.02
C LYS B 44 -8.12 -26.21 -16.57
N ARG B 45 -6.87 -26.32 -16.15
CA ARG B 45 -6.29 -27.60 -15.77
C ARG B 45 -5.51 -27.40 -14.48
N ILE B 46 -5.62 -28.36 -13.56
CA ILE B 46 -5.05 -28.24 -12.23
C ILE B 46 -4.22 -29.48 -11.93
N SER B 47 -2.99 -29.27 -11.48
CA SER B 47 -2.15 -30.38 -11.07
C SER B 47 -2.57 -30.89 -9.69
N GLY B 48 -2.25 -32.15 -9.41
CA GLY B 48 -2.66 -32.77 -8.16
C GLY B 48 -1.98 -32.21 -6.94
N LEU B 49 -0.85 -31.52 -7.11
CA LEU B 49 -0.12 -30.93 -6.00
C LEU B 49 -0.59 -29.52 -5.66
N ILE B 50 -1.54 -28.97 -6.43
CA ILE B 50 -2.04 -27.62 -6.16
C ILE B 50 -2.80 -27.58 -4.84
N TYR B 51 -3.57 -28.64 -4.56
CA TYR B 51 -4.53 -28.60 -3.45
C TYR B 51 -3.83 -28.45 -2.10
N GLU B 52 -2.72 -29.15 -1.90
CA GLU B 52 -1.97 -29.00 -0.66
C GLU B 52 -1.25 -27.66 -0.61
N GLU B 53 -0.77 -27.18 -1.76
CA GLU B 53 -0.12 -25.87 -1.81
C GLU B 53 -1.12 -24.76 -1.53
N THR B 54 -2.34 -24.88 -2.07
CA THR B 54 -3.35 -23.86 -1.85
C THR B 54 -3.77 -23.79 -0.37
N ARG B 55 -3.87 -24.95 0.29
CA ARG B 55 -4.25 -24.97 1.69
C ARG B 55 -3.21 -24.25 2.56
N GLY B 56 -1.93 -24.46 2.26
CA GLY B 56 -0.89 -23.75 2.99
C GLY B 56 -0.94 -22.24 2.74
N VAL B 57 -1.28 -21.84 1.52
CA VAL B 57 -1.39 -20.42 1.21
C VAL B 57 -2.54 -19.78 1.97
N LEU B 58 -3.69 -20.45 2.00
CA LEU B 58 -4.85 -19.92 2.71
C LEU B 58 -4.60 -19.89 4.21
N LYS B 59 -3.89 -20.91 4.72
CA LYS B 59 -3.56 -20.94 6.15
C LYS B 59 -2.70 -19.75 6.54
N VAL B 60 -1.71 -19.40 5.72
CA VAL B 60 -0.87 -18.25 6.00
C VAL B 60 -1.67 -16.96 5.93
N PHE B 61 -2.53 -16.82 4.91
CA PHE B 61 -3.34 -15.62 4.77
C PHE B 61 -4.27 -15.44 5.96
N LEU B 62 -4.91 -16.52 6.41
CA LEU B 62 -5.86 -16.41 7.52
C LEU B 62 -5.16 -16.04 8.81
N GLU B 63 -3.96 -16.58 9.06
CA GLU B 63 -3.22 -16.23 10.26
C GLU B 63 -2.94 -14.74 10.33
N ASN B 64 -2.52 -14.14 9.22
CA ASN B 64 -2.18 -12.72 9.23
C ASN B 64 -3.39 -11.86 9.53
N VAL B 65 -4.54 -12.16 8.90
CA VAL B 65 -5.73 -11.36 9.11
C VAL B 65 -6.30 -11.59 10.51
N ILE B 66 -6.35 -12.85 10.95
CA ILE B 66 -6.96 -13.17 12.23
C ILE B 66 -6.11 -12.63 13.38
N ARG B 67 -4.78 -12.69 13.24
CA ARG B 67 -3.90 -12.14 14.27
C ARG B 67 -4.14 -10.66 14.46
N ASP B 68 -4.25 -9.91 13.36
CA ASP B 68 -4.56 -8.48 13.46
C ASP B 68 -5.97 -8.25 13.97
N ALA B 69 -6.93 -9.05 13.50
CA ALA B 69 -8.32 -8.89 13.94
C ALA B 69 -8.44 -9.17 15.44
N VAL B 70 -7.73 -10.18 15.93
CA VAL B 70 -7.74 -10.46 17.37
C VAL B 70 -7.06 -9.34 18.14
N THR B 71 -6.00 -8.77 17.58
CA THR B 71 -5.31 -7.65 18.23
C THR B 71 -6.25 -6.46 18.41
N TYR B 72 -7.07 -6.17 17.41
CA TYR B 72 -8.08 -5.13 17.55
C TYR B 72 -9.08 -5.48 18.64
N THR B 73 -9.41 -6.77 18.79
CA THR B 73 -10.35 -7.21 19.81
C THR B 73 -9.78 -6.99 21.22
N GLU B 74 -8.49 -7.28 21.42
CA GLU B 74 -7.88 -7.03 22.72
C GLU B 74 -7.90 -5.56 23.09
N HIS B 75 -7.59 -4.68 22.13
CA HIS B 75 -7.53 -3.26 22.46
C HIS B 75 -8.90 -2.74 22.88
N ALA B 76 -9.95 -3.25 22.29
CA ALA B 76 -11.31 -2.90 22.69
C ALA B 76 -11.74 -3.58 23.99
N LYS B 77 -10.90 -4.46 24.55
CA LYS B 77 -11.20 -5.22 25.76
C LYS B 77 -12.41 -6.12 25.57
N ARG B 78 -12.65 -6.54 24.34
CA ARG B 78 -13.75 -7.45 24.01
C ARG B 78 -13.25 -8.88 23.92
N LYS B 79 -14.19 -9.82 23.93
CA LYS B 79 -13.89 -11.22 23.69
C LYS B 79 -14.55 -11.74 22.42
N THR B 80 -15.28 -10.90 21.70
CA THR B 80 -15.95 -11.28 20.46
C THR B 80 -15.28 -10.55 19.30
N VAL B 81 -14.84 -11.31 18.31
CA VAL B 81 -14.30 -10.72 17.08
C VAL B 81 -15.47 -10.25 16.24
N THR B 82 -15.49 -8.96 15.95
CA THR B 82 -16.58 -8.35 15.18
C THR B 82 -16.19 -8.23 13.72
N ALA B 83 -17.18 -7.90 12.89
CA ALA B 83 -16.92 -7.68 11.48
C ALA B 83 -16.02 -6.47 11.25
N MET B 84 -16.13 -5.45 12.10
CA MET B 84 -15.27 -4.27 11.96
C MET B 84 -13.82 -4.62 12.27
N ASP B 85 -13.59 -5.50 13.24
CA ASP B 85 -12.22 -5.93 13.54
C ASP B 85 -11.58 -6.59 12.34
N VAL B 86 -12.32 -7.45 11.64
CA VAL B 86 -11.82 -8.06 10.42
C VAL B 86 -11.60 -7.01 9.34
N VAL B 87 -12.53 -6.08 9.21
CA VAL B 87 -12.41 -5.03 8.19
C VAL B 87 -11.19 -4.16 8.46
N TYR B 88 -10.98 -3.77 9.72
CA TYR B 88 -9.79 -2.99 10.05
C TYR B 88 -8.52 -3.78 9.83
N ALA B 89 -8.53 -5.08 10.17
CA ALA B 89 -7.35 -5.91 9.94
C ALA B 89 -7.05 -6.04 8.45
N LEU B 90 -8.08 -6.23 7.63
CA LEU B 90 -7.89 -6.32 6.19
C LEU B 90 -7.37 -5.01 5.61
N LYS B 91 -7.93 -3.88 6.08
CA LYS B 91 -7.49 -2.57 5.60
C LYS B 91 -6.03 -2.33 5.94
N ARG B 92 -5.59 -2.75 7.12
CA ARG B 92 -4.19 -2.57 7.52
C ARG B 92 -3.24 -3.30 6.59
N GLN B 93 -3.66 -4.41 6.00
CA GLN B 93 -2.83 -5.21 5.12
C GLN B 93 -2.96 -4.81 3.66
N GLY B 94 -3.68 -3.73 3.36
CA GLY B 94 -3.87 -3.33 1.98
C GLY B 94 -4.89 -4.15 1.23
N ARG B 95 -5.84 -4.75 1.94
CA ARG B 95 -6.85 -5.63 1.36
C ARG B 95 -8.25 -5.14 1.74
N THR B 96 -8.51 -3.85 1.49
CA THR B 96 -9.77 -3.23 1.87
C THR B 96 -10.96 -4.01 1.32
N LEU B 97 -11.93 -4.25 2.19
CA LEU B 97 -13.13 -5.00 1.84
C LEU B 97 -14.35 -4.10 2.04
N TYR B 98 -15.24 -4.09 1.06
CA TYR B 98 -16.48 -3.33 1.13
C TYR B 98 -17.65 -4.24 1.45
N GLY B 99 -18.62 -3.70 2.19
CA GLY B 99 -19.88 -4.38 2.42
C GLY B 99 -20.10 -4.97 3.80
N PHE B 100 -19.26 -4.64 4.78
CA PHE B 100 -19.41 -5.17 6.13
C PHE B 100 -19.29 -4.07 7.16
N GLY B 101 -19.89 -2.92 6.89
CA GLY B 101 -19.82 -1.78 7.76
C GLY B 101 -18.60 -0.91 7.58
N GLY B 102 -17.61 -1.37 6.82
CA GLY B 102 -16.41 -0.61 6.54
C GLY B 102 -15.66 -1.26 5.40
N ARG C 11 10.83 25.52 43.31
CA ARG C 11 11.18 24.78 42.11
C ARG C 11 12.36 23.83 42.35
N ALA C 12 12.75 23.09 41.32
CA ALA C 12 13.85 22.14 41.40
C ALA C 12 14.58 22.13 40.07
N LYS C 13 15.79 21.57 40.09
CA LYS C 13 16.59 21.49 38.87
C LYS C 13 15.88 20.63 37.83
N ALA C 14 15.64 21.21 36.66
CA ALA C 14 14.87 20.55 35.62
C ALA C 14 15.67 19.42 34.99
N LYS C 15 15.06 18.24 34.92
CA LYS C 15 15.65 17.10 34.22
C LYS C 15 14.65 16.58 33.20
N THR C 16 15.17 16.20 32.03
CA THR C 16 14.31 15.80 30.92
C THR C 16 13.58 14.49 31.24
N ARG C 17 12.44 14.31 30.58
CA ARG C 17 11.70 13.06 30.72
C ARG C 17 12.43 11.88 30.10
N SER C 18 13.33 12.13 29.14
CA SER C 18 14.14 11.06 28.58
C SER C 18 15.02 10.44 29.66
N SER C 19 15.62 11.26 30.51
CA SER C 19 16.44 10.74 31.61
C SER C 19 15.56 10.03 32.63
N ARG C 20 14.35 10.54 32.86
CA ARG C 20 13.42 9.86 33.77
C ARG C 20 13.06 8.47 33.26
N ALA C 21 12.81 8.35 31.95
CA ALA C 21 12.50 7.07 31.34
C ALA C 21 13.75 6.25 31.02
N GLY C 22 14.94 6.80 31.22
CA GLY C 22 16.16 6.11 30.86
C GLY C 22 16.33 5.92 29.36
N LEU C 23 16.01 6.94 28.57
CA LEU C 23 16.06 6.87 27.12
C LEU C 23 16.99 7.95 26.58
N GLN C 24 17.47 7.71 25.36
CA GLN C 24 18.26 8.70 24.64
C GLN C 24 17.45 9.49 23.62
N PHE C 25 16.39 8.90 23.09
CA PHE C 25 15.52 9.64 22.19
C PHE C 25 14.70 10.68 22.96
N PRO C 26 14.37 11.81 22.33
CA PRO C 26 13.74 12.92 23.06
C PRO C 26 12.27 12.64 23.34
N VAL C 27 11.97 12.35 24.60
CA VAL C 27 10.57 12.13 25.00
C VAL C 27 9.77 13.40 24.84
N GLY C 28 10.32 14.54 25.26
CA GLY C 28 9.59 15.79 25.17
C GLY C 28 9.29 16.20 23.74
N ARG C 29 10.24 15.95 22.82
CA ARG C 29 10.00 16.27 21.42
C ARG C 29 8.97 15.34 20.79
N VAL C 30 8.96 14.07 21.18
CA VAL C 30 7.95 13.14 20.66
C VAL C 30 6.56 13.56 21.12
N HIS C 31 6.44 14.04 22.35
CA HIS C 31 5.15 14.52 22.84
C HIS C 31 4.67 15.72 22.01
N ARG C 32 5.57 16.66 21.72
CA ARG C 32 5.19 17.81 20.90
C ARG C 32 4.84 17.38 19.48
N LEU C 33 5.59 16.43 18.92
CA LEU C 33 5.27 15.93 17.58
C LEU C 33 3.94 15.19 17.56
N LEU C 34 3.61 14.49 18.65
CA LEU C 34 2.31 13.84 18.74
C LEU C 34 1.19 14.85 18.89
N ARG C 35 1.39 15.87 19.73
CA ARG C 35 0.37 16.88 19.96
C ARG C 35 0.09 17.70 18.70
N LYS C 36 1.14 18.10 18.00
CA LYS C 36 1.00 18.94 16.81
C LYS C 36 0.89 18.13 15.53
N GLY C 37 0.90 16.80 15.62
CA GLY C 37 0.76 15.94 14.46
C GLY C 37 -0.65 15.62 14.06
N ASN C 38 -1.64 16.13 14.78
CA ASN C 38 -3.06 15.90 14.51
C ASN C 38 -3.39 14.40 14.52
N TYR C 39 -3.13 13.79 15.68
CA TYR C 39 -3.41 12.37 15.88
C TYR C 39 -4.58 12.13 16.82
N ALA C 40 -4.72 12.94 17.87
CA ALA C 40 -5.86 12.88 18.77
C ALA C 40 -5.98 14.21 19.49
N GLU C 41 -7.13 14.41 20.13
CA GLU C 41 -7.35 15.64 20.89
C GLU C 41 -6.38 15.73 22.06
N ARG C 42 -6.15 14.62 22.75
CA ARG C 42 -5.27 14.58 23.91
C ARG C 42 -4.23 13.49 23.74
N VAL C 43 -3.07 13.69 24.36
CA VAL C 43 -1.99 12.73 24.36
C VAL C 43 -1.65 12.40 25.81
N GLY C 44 -1.66 11.11 26.14
CA GLY C 44 -1.34 10.70 27.49
C GLY C 44 0.13 10.89 27.81
N ALA C 45 0.44 10.87 29.10
CA ALA C 45 1.82 11.06 29.54
C ALA C 45 2.71 9.89 29.14
N GLY C 46 2.18 8.67 29.22
CA GLY C 46 2.98 7.50 28.90
C GLY C 46 3.17 7.24 27.42
N ALA C 47 2.32 7.83 26.57
CA ALA C 47 2.41 7.56 25.13
C ALA C 47 3.73 8.03 24.53
N PRO C 48 4.20 9.26 24.73
CA PRO C 48 5.51 9.62 24.16
C PRO C 48 6.66 8.81 24.72
N VAL C 49 6.60 8.41 26.00
CA VAL C 49 7.65 7.58 26.57
C VAL C 49 7.70 6.23 25.90
N TYR C 50 6.52 5.61 25.70
CA TYR C 50 6.47 4.31 25.03
C TYR C 50 6.94 4.43 23.59
N LEU C 51 6.52 5.47 22.88
CA LEU C 51 6.90 5.63 21.48
C LEU C 51 8.39 5.90 21.34
N ALA C 52 8.95 6.74 22.21
CA ALA C 52 10.37 7.04 22.14
C ALA C 52 11.22 5.80 22.41
N ALA C 53 10.80 4.96 23.35
CA ALA C 53 11.53 3.73 23.63
C ALA C 53 11.50 2.77 22.45
N VAL C 54 10.36 2.68 21.76
CA VAL C 54 10.25 1.81 20.60
C VAL C 54 11.12 2.33 19.47
N LEU C 55 11.13 3.66 19.25
CA LEU C 55 11.97 4.24 18.22
C LEU C 55 13.45 4.03 18.53
N GLU C 56 13.83 4.16 19.80
CA GLU C 56 15.21 3.96 20.19
C GLU C 56 15.63 2.50 20.01
N TYR C 57 14.73 1.56 20.34
CA TYR C 57 15.07 0.14 20.18
C TYR C 57 15.24 -0.22 18.71
N LEU C 58 14.36 0.27 17.84
CA LEU C 58 14.48 -0.04 16.41
C LEU C 58 15.72 0.61 15.81
N THR C 59 16.06 1.82 16.26
CA THR C 59 17.30 2.45 15.82
C THR C 59 18.52 1.63 16.24
N ALA C 60 18.50 1.12 17.48
CA ALA C 60 19.62 0.33 17.97
C ALA C 60 19.74 -0.99 17.22
N GLU C 61 18.61 -1.61 16.87
CA GLU C 61 18.65 -2.88 16.15
C GLU C 61 19.29 -2.73 14.77
N ILE C 62 18.93 -1.67 14.05
CA ILE C 62 19.50 -1.45 12.72
C ILE C 62 20.97 -1.03 12.83
N LEU C 63 21.28 -0.15 13.78
CA LEU C 63 22.63 0.37 13.88
C LEU C 63 23.63 -0.70 14.29
N GLU C 64 23.22 -1.63 15.16
CA GLU C 64 24.12 -2.70 15.56
C GLU C 64 24.34 -3.70 14.43
N LEU C 65 23.31 -3.93 13.59
CA LEU C 65 23.49 -4.78 12.44
C LEU C 65 24.29 -4.08 11.35
N ALA C 66 24.09 -2.77 11.18
CA ALA C 66 24.84 -2.01 10.19
C ALA C 66 26.31 -1.88 10.60
N GLY C 67 26.57 -1.75 11.90
CA GLY C 67 27.94 -1.71 12.36
C GLY C 67 28.67 -3.02 12.17
N ASN C 68 27.94 -4.14 12.25
CA ASN C 68 28.55 -5.43 11.93
C ASN C 68 28.90 -5.54 10.46
N ALA C 69 28.02 -5.03 9.59
CA ALA C 69 28.30 -5.05 8.15
C ALA C 69 29.50 -4.17 7.81
N ALA C 70 29.62 -3.01 8.47
CA ALA C 70 30.78 -2.15 8.26
C ALA C 70 32.06 -2.83 8.71
N ARG C 71 32.01 -3.53 9.85
CA ARG C 71 33.19 -4.25 10.34
C ARG C 71 33.55 -5.41 9.41
N ASP C 72 32.53 -6.06 8.83
CA ASP C 72 32.80 -7.14 7.89
C ASP C 72 33.51 -6.64 6.64
N ASN C 73 33.33 -5.37 6.30
CA ASN C 73 33.98 -4.76 5.14
C ASN C 73 35.23 -3.98 5.50
N LYS C 74 35.74 -4.15 6.73
CA LYS C 74 36.92 -3.44 7.21
C LYS C 74 36.71 -1.92 7.13
N LYS C 75 35.51 -1.48 7.45
CA LYS C 75 35.15 -0.06 7.44
C LYS C 75 34.77 0.38 8.84
N THR C 76 35.21 1.57 9.22
CA THR C 76 34.89 2.13 10.52
C THR C 76 33.71 3.08 10.49
N ARG C 77 33.24 3.47 9.30
CA ARG C 77 32.13 4.40 9.15
C ARG C 77 30.97 3.70 8.46
N ILE C 78 29.77 3.83 9.03
CA ILE C 78 28.58 3.24 8.44
C ILE C 78 28.15 4.10 7.26
N ILE C 79 27.91 3.44 6.13
CA ILE C 79 27.48 4.12 4.90
C ILE C 79 26.13 3.54 4.49
N PRO C 80 25.43 4.11 3.51
CA PRO C 80 24.13 3.56 3.12
C PRO C 80 24.19 2.10 2.69
N ARG C 81 25.32 1.64 2.16
CA ARG C 81 25.44 0.23 1.80
C ARG C 81 25.30 -0.67 3.02
N HIS C 82 25.91 -0.28 4.15
CA HIS C 82 25.84 -1.11 5.35
C HIS C 82 24.43 -1.13 5.92
N LEU C 83 23.71 -0.01 5.84
CA LEU C 83 22.32 0.00 6.28
C LEU C 83 21.46 -0.92 5.41
N GLN C 84 21.68 -0.90 4.10
CA GLN C 84 20.92 -1.75 3.20
C GLN C 84 21.23 -3.23 3.45
N LEU C 85 22.51 -3.56 3.66
CA LEU C 85 22.88 -4.94 3.93
C LEU C 85 22.26 -5.44 5.23
N ALA C 86 22.24 -4.59 6.27
CA ALA C 86 21.66 -4.98 7.54
C ALA C 86 20.17 -5.25 7.41
N VAL C 87 19.45 -4.39 6.69
CA VAL C 87 18.00 -4.51 6.60
C VAL C 87 17.62 -5.74 5.77
N ARG C 88 18.25 -5.91 4.61
CA ARG C 88 17.85 -6.98 3.71
C ARG C 88 18.29 -8.36 4.19
N ASN C 89 19.34 -8.44 5.00
CA ASN C 89 19.78 -9.72 5.54
C ASN C 89 19.04 -10.11 6.81
N ASP C 90 18.26 -9.21 7.39
CA ASP C 90 17.44 -9.49 8.56
C ASP C 90 16.02 -9.75 8.11
N GLU C 91 15.46 -10.91 8.49
CA GLU C 91 14.16 -11.32 7.97
C GLU C 91 13.06 -10.35 8.39
N GLU C 92 13.06 -9.94 9.66
CA GLU C 92 12.01 -9.06 10.15
C GLU C 92 12.19 -7.63 9.66
N LEU C 93 13.42 -7.11 9.69
CA LEU C 93 13.66 -5.76 9.22
C LEU C 93 13.38 -5.63 7.74
N ASN C 94 13.63 -6.69 6.96
CA ASN C 94 13.26 -6.67 5.55
C ASN C 94 11.74 -6.61 5.38
N LYS C 95 11.00 -7.28 6.27
CA LYS C 95 9.54 -7.20 6.22
C LYS C 95 9.06 -5.80 6.59
N LEU C 96 9.67 -5.19 7.61
CA LEU C 96 9.25 -3.86 8.04
C LEU C 96 9.52 -2.82 6.96
N LEU C 97 10.64 -2.95 6.26
CA LEU C 97 11.05 -2.01 5.22
C LEU C 97 10.93 -2.62 3.83
N GLY C 98 9.91 -3.45 3.63
CA GLY C 98 9.74 -4.12 2.35
C GLY C 98 9.47 -3.18 1.20
N ARG C 99 8.70 -2.12 1.44
CA ARG C 99 8.37 -1.13 0.42
C ARG C 99 9.24 0.12 0.54
N VAL C 100 10.42 0.00 1.15
CA VAL C 100 11.30 1.12 1.40
C VAL C 100 12.53 1.00 0.50
N THR C 101 12.90 2.10 -0.15
CA THR C 101 14.12 2.17 -0.95
C THR C 101 15.15 3.00 -0.20
N ILE C 102 16.32 2.40 0.03
CA ILE C 102 17.43 3.08 0.69
C ILE C 102 18.36 3.62 -0.38
N ALA C 103 18.54 4.94 -0.40
CA ALA C 103 19.35 5.56 -1.42
C ALA C 103 20.82 5.17 -1.28
N GLN C 104 21.46 4.87 -2.42
CA GLN C 104 22.86 4.44 -2.47
C GLN C 104 23.09 3.17 -1.66
N GLY C 105 22.07 2.33 -1.55
CA GLY C 105 22.18 1.11 -0.77
C GLY C 105 22.54 -0.12 -1.60
N GLY C 106 22.25 -0.09 -2.89
CA GLY C 106 22.52 -1.22 -3.74
C GLY C 106 21.55 -2.36 -3.51
N VAL C 107 21.99 -3.56 -3.90
CA VAL C 107 21.18 -4.77 -3.77
C VAL C 107 22.04 -5.86 -3.14
N LEU C 108 21.37 -6.89 -2.64
CA LEU C 108 22.07 -8.06 -2.13
C LEU C 108 22.70 -8.84 -3.28
N PRO C 109 23.94 -9.30 -3.12
CA PRO C 109 24.51 -10.22 -4.12
C PRO C 109 23.71 -11.49 -4.20
N ASN C 110 23.09 -11.74 -5.35
CA ASN C 110 22.19 -12.88 -5.51
C ASN C 110 22.14 -13.25 -6.99
N ILE C 111 22.67 -14.42 -7.33
CA ILE C 111 22.66 -14.93 -8.69
C ILE C 111 21.91 -16.26 -8.69
N GLN C 112 20.92 -16.37 -9.58
CA GLN C 112 20.17 -17.60 -9.70
C GLN C 112 21.07 -18.74 -10.17
N SER C 113 20.90 -19.91 -9.56
CA SER C 113 21.80 -21.03 -9.82
C SER C 113 21.70 -21.52 -11.26
N VAL C 114 20.57 -21.27 -11.92
CA VAL C 114 20.43 -21.68 -13.31
C VAL C 114 21.37 -20.89 -14.21
N LEU C 115 21.70 -19.65 -13.83
CA LEU C 115 22.58 -18.81 -14.62
C LEU C 115 24.06 -19.13 -14.39
N LEU C 116 24.39 -19.88 -13.35
CA LEU C 116 25.77 -20.23 -13.09
C LEU C 116 26.29 -21.19 -14.17
N PRO C 117 27.60 -21.17 -14.45
CA PRO C 117 28.13 -22.04 -15.51
C PRO C 117 27.95 -23.51 -15.17
N LYS C 118 27.73 -24.30 -16.21
CA LYS C 118 27.48 -25.72 -16.06
C LYS C 118 28.79 -26.51 -16.00
N THR D 29 17.39 29.41 9.53
CA THR D 29 16.60 28.95 10.66
C THR D 29 17.10 27.59 11.16
N ARG D 30 16.36 27.00 12.10
CA ARG D 30 16.73 25.75 12.74
C ARG D 30 15.91 24.61 12.14
N LYS D 31 16.60 23.58 11.67
CA LYS D 31 15.96 22.36 11.17
C LYS D 31 16.11 21.25 12.19
N GLU D 32 15.00 20.60 12.52
CA GLU D 32 14.97 19.58 13.56
C GLU D 32 15.15 18.20 12.95
N SER D 33 15.99 17.38 13.57
CA SER D 33 16.24 16.04 13.09
C SER D 33 16.64 15.16 14.28
N TYR D 34 16.66 13.86 14.03
CA TYR D 34 17.02 12.86 15.05
C TYR D 34 18.50 12.52 15.03
N ALA D 35 19.32 13.29 14.32
CA ALA D 35 20.71 12.92 14.10
C ALA D 35 21.48 12.80 15.41
N ILE D 36 21.30 13.77 16.32
CA ILE D 36 22.05 13.73 17.57
C ILE D 36 21.63 12.54 18.43
N TYR D 37 20.36 12.17 18.39
CA TYR D 37 19.88 11.05 19.20
C TYR D 37 20.28 9.71 18.59
N VAL D 38 20.29 9.62 17.26
CA VAL D 38 20.79 8.42 16.60
C VAL D 38 22.27 8.22 16.90
N TYR D 39 23.02 9.32 16.96
CA TYR D 39 24.45 9.23 17.24
C TYR D 39 24.71 8.67 18.64
N LYS D 40 23.93 9.10 19.63
CA LYS D 40 24.10 8.58 20.98
C LYS D 40 23.79 7.10 21.05
N VAL D 41 22.75 6.66 20.32
CA VAL D 41 22.44 5.24 20.26
C VAL D 41 23.58 4.47 19.61
N LEU D 42 24.17 5.03 18.56
CA LEU D 42 25.27 4.38 17.87
C LEU D 42 26.47 4.18 18.78
N LYS D 43 26.77 5.18 19.61
CA LYS D 43 27.95 5.10 20.48
C LYS D 43 27.81 4.05 21.57
N GLN D 44 26.59 3.56 21.84
CA GLN D 44 26.43 2.48 22.81
C GLN D 44 26.62 1.11 22.16
N VAL D 45 25.97 0.88 21.02
CA VAL D 45 26.11 -0.40 20.34
C VAL D 45 27.50 -0.53 19.73
N HIS D 46 28.03 0.55 19.16
CA HIS D 46 29.32 0.54 18.47
C HIS D 46 30.09 1.79 18.85
N PRO D 47 30.79 1.75 19.99
CA PRO D 47 31.47 2.97 20.47
C PRO D 47 32.53 3.50 19.53
N ASP D 48 33.16 2.65 18.71
CA ASP D 48 34.25 3.08 17.84
C ASP D 48 33.86 3.08 16.36
N THR D 49 32.56 3.19 16.06
CA THR D 49 32.08 3.23 14.69
C THR D 49 31.39 4.55 14.44
N GLY D 50 31.75 5.21 13.33
CA GLY D 50 31.10 6.43 12.91
C GLY D 50 29.99 6.17 11.90
N ILE D 51 29.42 7.26 11.41
CA ILE D 51 28.35 7.20 10.43
C ILE D 51 28.51 8.35 9.44
N SER D 52 28.21 8.08 8.17
CA SER D 52 28.30 9.10 7.14
C SER D 52 27.06 9.98 7.15
N SER D 53 27.19 11.15 6.53
CA SER D 53 26.07 12.09 6.48
C SER D 53 24.91 11.51 5.69
N LYS D 54 25.18 10.79 4.61
CA LYS D 54 24.12 10.16 3.84
C LYS D 54 23.44 9.06 4.65
N ALA D 55 24.22 8.28 5.42
CA ALA D 55 23.62 7.25 6.25
C ALA D 55 22.84 7.84 7.41
N MET D 56 23.27 8.99 7.93
CA MET D 56 22.52 9.67 8.98
C MET D 56 21.18 10.17 8.46
N SER D 57 21.15 10.64 7.21
CA SER D 57 19.89 11.07 6.61
C SER D 57 18.92 9.91 6.48
N ILE D 58 19.42 8.74 6.10
CA ILE D 58 18.57 7.56 6.00
C ILE D 58 18.01 7.18 7.36
N MET D 59 18.85 7.24 8.40
CA MET D 59 18.38 6.94 9.75
C MET D 59 17.31 7.93 10.19
N ASN D 60 17.49 9.21 9.85
CA ASN D 60 16.48 10.21 10.16
C ASN D 60 15.17 9.91 9.44
N SER D 61 15.25 9.51 8.17
CA SER D 61 14.05 9.13 7.43
C SER D 61 13.39 7.91 8.04
N PHE D 62 14.20 6.95 8.51
CA PHE D 62 13.64 5.74 9.10
C PHE D 62 12.88 6.05 10.39
N VAL D 63 13.46 6.90 11.26
CA VAL D 63 12.80 7.22 12.52
C VAL D 63 11.49 7.95 12.27
N ASN D 64 11.50 8.91 11.35
CA ASN D 64 10.28 9.65 11.02
C ASN D 64 9.22 8.74 10.41
N ASP D 65 9.65 7.82 9.55
CA ASP D 65 8.71 6.90 8.90
C ASP D 65 8.06 5.98 9.93
N VAL D 66 8.85 5.43 10.85
CA VAL D 66 8.29 4.55 11.87
C VAL D 66 7.40 5.34 12.84
N PHE D 67 7.81 6.57 13.15
CA PHE D 67 6.99 7.42 14.02
C PHE D 67 5.62 7.66 13.39
N GLU D 68 5.59 8.02 12.10
CA GLU D 68 4.32 8.30 11.43
C GLU D 68 3.46 7.06 11.33
N ARG D 69 4.08 5.90 11.08
CA ARG D 69 3.32 4.66 11.00
C ARG D 69 2.68 4.32 12.34
N ILE D 70 3.45 4.40 13.42
CA ILE D 70 2.91 4.04 14.74
C ILE D 70 1.87 5.06 15.19
N ALA D 71 2.18 6.34 15.07
CA ALA D 71 1.25 7.38 15.49
C ALA D 71 -0.03 7.34 14.68
N GLY D 72 0.08 7.08 13.38
CA GLY D 72 -1.11 6.94 12.55
C GLY D 72 -1.97 5.75 12.96
N GLU D 73 -1.34 4.61 13.23
CA GLU D 73 -2.09 3.45 13.68
C GLU D 73 -2.71 3.68 15.06
N ALA D 74 -1.97 4.33 15.96
CA ALA D 74 -2.52 4.64 17.28
C ALA D 74 -3.69 5.61 17.17
N SER D 75 -3.58 6.58 16.26
CA SER D 75 -4.67 7.54 16.06
C SER D 75 -5.94 6.84 15.56
N ARG D 76 -5.80 5.91 14.62
CA ARG D 76 -6.95 5.16 14.14
C ARG D 76 -7.53 4.28 15.23
N LEU D 77 -6.67 3.72 16.08
CA LEU D 77 -7.14 2.85 17.17
C LEU D 77 -8.02 3.63 18.14
N ALA D 78 -7.64 4.87 18.46
CA ALA D 78 -8.45 5.70 19.35
C ALA D 78 -9.79 6.05 18.71
N HIS D 79 -9.78 6.37 17.41
CA HIS D 79 -11.02 6.69 16.72
C HIS D 79 -11.95 5.48 16.64
N TYR D 80 -11.39 4.29 16.42
CA TYR D 80 -12.20 3.08 16.34
C TYR D 80 -12.93 2.83 17.66
N ASN D 81 -12.29 3.12 18.78
CA ASN D 81 -12.83 2.84 20.10
C ASN D 81 -13.50 4.06 20.73
N LYS D 82 -13.76 5.11 19.95
CA LYS D 82 -14.45 6.31 20.41
C LYS D 82 -13.70 6.97 21.57
N ARG D 83 -12.37 7.03 21.44
CA ARG D 83 -11.52 7.65 22.43
C ARG D 83 -10.84 8.87 21.83
N SER D 84 -10.54 9.85 22.67
CA SER D 84 -9.90 11.08 22.24
C SER D 84 -8.45 11.19 22.69
N THR D 85 -7.93 10.21 23.42
CA THR D 85 -6.58 10.25 23.96
C THR D 85 -5.75 9.13 23.38
N ILE D 86 -4.53 9.46 22.95
CA ILE D 86 -3.52 8.46 22.62
C ILE D 86 -2.76 8.14 23.90
N THR D 87 -2.89 6.91 24.38
CA THR D 87 -2.19 6.45 25.56
C THR D 87 -1.14 5.41 25.16
N SER D 88 -0.35 4.97 26.14
CA SER D 88 0.63 3.93 25.88
C SER D 88 -0.01 2.62 25.45
N ARG D 89 -1.28 2.40 25.85
CA ARG D 89 -1.99 1.21 25.40
C ARG D 89 -2.25 1.25 23.90
N GLU D 90 -2.62 2.42 23.37
CA GLU D 90 -2.77 2.57 21.93
C GLU D 90 -1.44 2.38 21.21
N ILE D 91 -0.37 2.94 21.78
CA ILE D 91 0.96 2.77 21.19
C ILE D 91 1.38 1.31 21.20
N GLN D 92 1.12 0.62 22.31
CA GLN D 92 1.49 -0.80 22.40
C GLN D 92 0.75 -1.64 21.38
N THR D 93 -0.54 -1.40 21.21
CA THR D 93 -1.32 -2.15 20.22
C THR D 93 -0.86 -1.81 18.80
N ALA D 94 -0.54 -0.54 18.55
CA ALA D 94 -0.03 -0.15 17.23
C ALA D 94 1.29 -0.83 16.93
N VAL D 95 2.14 -1.00 17.94
CA VAL D 95 3.41 -1.70 17.75
C VAL D 95 3.17 -3.15 17.35
N ARG D 96 2.24 -3.82 18.02
CA ARG D 96 1.94 -5.21 17.70
C ARG D 96 1.37 -5.37 16.31
N LEU D 97 0.62 -4.36 15.82
CA LEU D 97 0.04 -4.45 14.49
C LEU D 97 1.07 -4.21 13.40
N LEU D 98 2.04 -3.33 13.65
CA LEU D 98 2.97 -2.92 12.61
C LEU D 98 4.28 -3.69 12.63
N LEU D 99 4.76 -4.08 13.80
CA LEU D 99 6.07 -4.71 13.73
C LEU D 99 5.92 -6.22 13.56
N PRO D 100 6.87 -6.84 12.86
CA PRO D 100 6.86 -8.31 12.75
C PRO D 100 7.09 -8.96 14.11
N GLY D 101 6.75 -10.25 14.17
CA GLY D 101 6.60 -10.99 15.41
C GLY D 101 7.62 -10.79 16.51
N GLU D 102 8.88 -11.18 16.28
CA GLU D 102 9.87 -11.08 17.34
C GLU D 102 10.32 -9.64 17.55
N LEU D 103 10.30 -8.82 16.51
CA LEU D 103 10.59 -7.40 16.67
C LEU D 103 9.54 -6.74 17.55
N ALA D 104 8.26 -7.11 17.37
CA ALA D 104 7.19 -6.52 18.18
C ALA D 104 7.34 -6.92 19.65
N LYS D 105 7.73 -8.17 19.93
CA LYS D 105 7.84 -8.62 21.31
C LYS D 105 8.92 -7.83 22.06
N HIS D 106 10.07 -7.62 21.43
CA HIS D 106 11.14 -6.87 22.10
C HIS D 106 10.79 -5.39 22.19
N ALA D 107 10.16 -4.84 21.16
CA ALA D 107 9.74 -3.45 21.20
C ALA D 107 8.72 -3.21 22.31
N VAL D 108 7.77 -4.12 22.48
CA VAL D 108 6.79 -4.00 23.55
C VAL D 108 7.49 -4.07 24.91
N SER D 109 8.46 -4.97 25.05
CA SER D 109 9.20 -5.06 26.30
C SER D 109 9.98 -3.78 26.59
N GLU D 110 10.59 -3.18 25.56
CA GLU D 110 11.31 -1.92 25.75
C GLU D 110 10.36 -0.80 26.14
N GLY D 111 9.22 -0.71 25.47
CA GLY D 111 8.27 0.35 25.78
C GLY D 111 7.68 0.21 27.17
N THR D 112 7.31 -1.01 27.55
CA THR D 112 6.76 -1.24 28.89
C THR D 112 7.79 -0.92 29.97
N LYS D 113 9.04 -1.32 29.75
CA LYS D 113 10.10 -1.05 30.72
C LYS D 113 10.33 0.45 30.90
N ALA D 114 10.31 1.21 29.81
CA ALA D 114 10.53 2.65 29.90
C ALA D 114 9.38 3.34 30.62
N VAL D 115 8.14 2.92 30.35
CA VAL D 115 6.99 3.54 31.00
C VAL D 115 6.98 3.21 32.48
N THR D 116 7.34 1.97 32.84
CA THR D 116 7.43 1.60 34.24
C THR D 116 8.50 2.41 34.97
N LYS D 117 9.68 2.55 34.35
CA LYS D 117 10.73 3.35 34.96
C LYS D 117 10.35 4.82 35.02
N TYR D 118 9.68 5.33 33.97
CA TYR D 118 9.25 6.72 33.96
C TYR D 118 8.23 6.99 35.07
N THR D 119 7.29 6.06 35.28
CA THR D 119 6.31 6.23 36.34
C THR D 119 6.92 6.03 37.71
N SER D 120 7.84 5.07 37.84
CA SER D 120 8.49 4.84 39.13
C SER D 120 9.34 6.02 39.56
N ALA D 121 9.87 6.77 38.59
CA ALA D 121 10.71 7.92 38.89
C ALA D 121 9.93 9.23 38.95
N LYS D 122 8.68 9.24 38.51
CA LYS D 122 7.88 10.46 38.52
C LYS D 122 6.39 10.16 38.45
N PRO E 38 43.62 -14.67 -30.56
CA PRO E 38 43.44 -13.76 -29.42
C PRO E 38 42.51 -14.35 -28.37
N HIS E 39 42.72 -13.96 -27.11
CA HIS E 39 41.88 -14.44 -26.03
C HIS E 39 40.44 -13.95 -26.21
N ARG E 40 39.49 -14.85 -26.02
CA ARG E 40 38.07 -14.52 -26.14
C ARG E 40 37.29 -15.29 -25.09
N TYR E 41 36.46 -14.56 -24.34
CA TYR E 41 35.64 -15.19 -23.31
C TYR E 41 34.36 -15.76 -23.91
N ARG E 42 33.89 -16.86 -23.33
CA ARG E 42 32.67 -17.49 -23.80
C ARG E 42 31.47 -16.60 -23.51
N PRO E 43 30.42 -16.68 -24.33
CA PRO E 43 29.22 -15.88 -24.07
C PRO E 43 28.61 -16.19 -22.72
N GLY E 44 28.41 -15.16 -21.92
CA GLY E 44 27.88 -15.28 -20.58
C GLY E 44 28.92 -15.21 -19.49
N THR E 45 30.20 -15.38 -19.82
CA THR E 45 31.25 -15.28 -18.80
C THR E 45 31.45 -13.85 -18.38
N VAL E 46 31.52 -12.92 -19.33
CA VAL E 46 31.64 -11.50 -19.00
C VAL E 46 30.34 -10.99 -18.39
N ALA E 47 29.20 -11.54 -18.81
CA ALA E 47 27.92 -11.15 -18.23
C ALA E 47 27.86 -11.51 -16.75
N LEU E 48 28.35 -12.70 -16.39
CA LEU E 48 28.37 -13.10 -14.98
C LEU E 48 29.29 -12.21 -14.16
N ARG E 49 30.44 -11.81 -14.72
CA ARG E 49 31.33 -10.91 -14.02
C ARG E 49 30.69 -9.54 -13.83
N GLU E 50 29.94 -9.06 -14.82
CA GLU E 50 29.25 -7.79 -14.68
C GLU E 50 28.15 -7.87 -13.64
N ILE E 51 27.48 -9.02 -13.51
CA ILE E 51 26.47 -9.17 -12.48
C ILE E 51 27.10 -9.04 -11.09
N ARG E 52 28.22 -9.72 -10.89
CA ARG E 52 28.92 -9.63 -9.61
C ARG E 52 29.46 -8.23 -9.38
N ARG E 53 29.93 -7.56 -10.43
CA ARG E 53 30.48 -6.22 -10.29
C ARG E 53 29.42 -5.22 -9.89
N TYR E 54 28.25 -5.26 -10.54
CA TYR E 54 27.22 -4.25 -10.30
C TYR E 54 26.33 -4.59 -9.11
N GLN E 55 26.28 -5.85 -8.69
CA GLN E 55 25.58 -6.20 -7.46
C GLN E 55 26.41 -5.93 -6.22
N LYS E 56 27.69 -5.56 -6.39
CA LYS E 56 28.57 -5.21 -5.29
C LYS E 56 28.64 -3.71 -5.05
N SER E 57 28.45 -2.90 -6.08
CA SER E 57 28.56 -1.45 -5.99
C SER E 57 27.18 -0.81 -5.81
N THR E 58 27.19 0.48 -5.49
CA THR E 58 25.97 1.21 -5.20
C THR E 58 25.77 2.46 -6.04
N GLU E 59 26.69 2.79 -6.94
CA GLU E 59 26.57 4.03 -7.70
C GLU E 59 25.41 3.94 -8.70
N LEU E 60 24.94 5.11 -9.12
CA LEU E 60 23.89 5.16 -10.13
C LEU E 60 24.41 4.68 -11.47
N LEU E 61 23.60 3.87 -12.14
CA LEU E 61 24.01 3.22 -13.38
C LEU E 61 23.57 3.97 -14.64
N ILE E 62 22.74 4.99 -14.49
CA ILE E 62 22.32 5.84 -15.59
C ILE E 62 23.13 7.14 -15.52
N ARG E 63 23.56 7.63 -16.67
CA ARG E 63 24.30 8.89 -16.70
C ARG E 63 23.42 10.03 -16.19
N LYS E 64 24.03 10.92 -15.40
CA LYS E 64 23.26 11.92 -14.67
C LYS E 64 22.67 12.97 -15.61
N LEU E 65 23.48 13.51 -16.50
CA LEU E 65 23.00 14.57 -17.39
C LEU E 65 21.90 14.10 -18.33
N PRO E 66 22.01 12.97 -19.03
CA PRO E 66 20.87 12.51 -19.84
C PRO E 66 19.61 12.26 -19.02
N PHE E 67 19.74 11.76 -17.80
CA PHE E 67 18.56 11.54 -16.97
C PHE E 67 17.92 12.87 -16.56
N GLN E 68 18.74 13.87 -16.25
CA GLN E 68 18.21 15.17 -15.89
C GLN E 68 17.42 15.78 -17.04
N ARG E 69 17.93 15.66 -18.26
CA ARG E 69 17.21 16.19 -19.42
C ARG E 69 15.88 15.48 -19.61
N LEU E 70 15.85 14.17 -19.38
CA LEU E 70 14.59 13.43 -19.50
C LEU E 70 13.58 13.88 -18.46
N VAL E 71 14.04 14.15 -17.23
CA VAL E 71 13.13 14.60 -16.17
C VAL E 71 12.53 15.96 -16.53
N ARG E 72 13.36 16.89 -17.01
CA ARG E 72 12.86 18.21 -17.35
C ARG E 72 11.89 18.16 -18.52
N GLU E 73 12.18 17.31 -19.52
CA GLU E 73 11.28 17.20 -20.67
C GLU E 73 9.93 16.65 -20.27
N ILE E 74 9.91 15.64 -19.39
CA ILE E 74 8.64 15.10 -18.90
C ILE E 74 7.91 16.14 -18.07
N ALA E 75 8.63 16.90 -17.25
CA ALA E 75 8.00 17.87 -16.38
C ALA E 75 7.41 19.05 -17.16
N GLN E 76 7.95 19.33 -18.35
CA GLN E 76 7.44 20.45 -19.13
C GLN E 76 6.00 20.24 -19.58
N ASP E 77 5.53 18.99 -19.59
CA ASP E 77 4.15 18.69 -19.94
C ASP E 77 3.17 19.02 -18.82
N PHE E 78 3.65 19.25 -17.60
CA PHE E 78 2.80 19.59 -16.47
C PHE E 78 2.84 21.08 -16.15
N LYS E 79 4.03 21.68 -16.10
CA LYS E 79 4.18 23.10 -15.95
C LYS E 79 5.30 23.59 -16.85
N THR E 80 5.21 24.87 -17.23
CA THR E 80 6.21 25.53 -18.05
C THR E 80 7.20 26.27 -17.15
N ASP E 81 8.47 26.23 -17.54
CA ASP E 81 9.54 26.94 -16.83
C ASP E 81 9.66 26.47 -15.39
N LEU E 82 9.66 25.15 -15.21
CA LEU E 82 9.90 24.57 -13.90
C LEU E 82 11.39 24.53 -13.58
N ARG E 83 11.71 24.67 -12.31
CA ARG E 83 13.06 24.49 -11.81
C ARG E 83 13.12 23.26 -10.89
N PHE E 84 14.30 22.68 -10.80
CA PHE E 84 14.52 21.50 -9.98
C PHE E 84 15.71 21.73 -9.07
N GLN E 85 15.56 21.40 -7.79
CA GLN E 85 16.72 21.29 -6.92
C GLN E 85 17.59 20.13 -7.39
N SER E 86 18.89 20.26 -7.13
CA SER E 86 19.83 19.22 -7.55
C SER E 86 19.49 17.89 -6.87
N SER E 87 19.10 17.94 -5.59
CA SER E 87 18.73 16.72 -4.88
C SER E 87 17.38 16.18 -5.31
N ALA E 88 16.52 17.03 -5.89
CA ALA E 88 15.24 16.54 -6.41
C ALA E 88 15.45 15.59 -7.59
N VAL E 89 16.37 15.93 -8.49
CA VAL E 89 16.69 15.04 -9.60
C VAL E 89 17.41 13.80 -9.08
N MET E 90 18.27 13.96 -8.08
CA MET E 90 18.96 12.82 -7.49
C MET E 90 17.98 11.85 -6.86
N ALA E 91 16.96 12.37 -6.17
CA ALA E 91 15.94 11.49 -5.58
C ALA E 91 15.17 10.76 -6.67
N LEU E 92 14.86 11.45 -7.78
CA LEU E 92 14.16 10.80 -8.88
C LEU E 92 15.00 9.69 -9.49
N GLN E 93 16.30 9.93 -9.67
CA GLN E 93 17.16 8.91 -10.26
C GLN E 93 17.35 7.73 -9.33
N GLU E 94 17.45 7.98 -8.02
CA GLU E 94 17.59 6.88 -7.07
C GLU E 94 16.37 5.98 -7.08
N ALA E 95 15.17 6.57 -7.13
CA ALA E 95 13.95 5.79 -7.16
C ALA E 95 13.75 5.11 -8.50
N SER E 96 14.10 5.79 -9.59
CA SER E 96 13.91 5.21 -10.92
C SER E 96 14.80 3.99 -11.12
N GLU E 97 16.07 4.08 -10.71
CA GLU E 97 16.97 2.95 -10.87
C GLU E 97 16.59 1.80 -9.94
N ALA E 98 16.17 2.12 -8.71
CA ALA E 98 15.70 1.08 -7.80
C ALA E 98 14.45 0.40 -8.34
N TYR E 99 13.54 1.17 -8.93
CA TYR E 99 12.35 0.58 -9.54
C TYR E 99 12.71 -0.33 -10.70
N LEU E 100 13.65 0.10 -11.56
CA LEU E 100 14.01 -0.71 -12.72
C LEU E 100 14.78 -1.97 -12.32
N VAL E 101 15.69 -1.84 -11.35
CA VAL E 101 16.46 -3.00 -10.90
C VAL E 101 15.53 -4.05 -10.28
N ALA E 102 14.59 -3.60 -9.46
CA ALA E 102 13.63 -4.53 -8.86
C ALA E 102 12.74 -5.17 -9.91
N LEU E 103 12.39 -4.39 -10.95
CA LEU E 103 11.59 -4.96 -12.04
C LEU E 103 12.37 -5.99 -12.83
N PHE E 104 13.67 -5.75 -13.07
CA PHE E 104 14.50 -6.72 -13.77
C PHE E 104 14.67 -8.00 -12.96
N GLU E 105 14.74 -7.88 -11.62
CA GLU E 105 14.81 -9.06 -10.78
C GLU E 105 13.54 -9.90 -10.92
N ASP E 106 12.37 -9.24 -10.92
CA ASP E 106 11.13 -9.96 -11.17
C ASP E 106 11.05 -10.47 -12.60
N THR E 107 11.53 -9.67 -13.55
CA THR E 107 11.55 -10.10 -14.95
C THR E 107 12.44 -11.32 -15.14
N ASN E 108 13.57 -11.37 -14.44
CA ASN E 108 14.48 -12.50 -14.55
C ASN E 108 13.82 -13.79 -14.06
N LEU E 109 13.04 -13.70 -12.98
CA LEU E 109 12.34 -14.88 -12.47
C LEU E 109 11.33 -15.41 -13.48
N CYS E 110 10.62 -14.50 -14.16
CA CYS E 110 9.66 -14.93 -15.17
C CYS E 110 10.34 -15.64 -16.33
N ALA E 111 11.50 -15.12 -16.76
CA ALA E 111 12.24 -15.77 -17.84
C ALA E 111 12.72 -17.16 -17.43
N ILE E 112 13.24 -17.28 -16.21
CA ILE E 112 13.67 -18.59 -15.72
C ILE E 112 12.49 -19.53 -15.57
N HIS E 113 11.33 -19.00 -15.17
CA HIS E 113 10.13 -19.82 -15.04
C HIS E 113 9.77 -20.47 -16.37
N ALA E 114 9.97 -19.76 -17.48
CA ALA E 114 9.74 -20.29 -18.82
C ALA E 114 10.93 -21.10 -19.34
N LYS E 115 11.83 -21.53 -18.45
CA LYS E 115 12.98 -22.36 -18.81
C LYS E 115 13.91 -21.64 -19.78
N ARG E 116 14.01 -20.32 -19.66
CA ARG E 116 14.91 -19.52 -20.45
C ARG E 116 15.93 -18.84 -19.54
N VAL E 117 16.96 -18.27 -20.17
CA VAL E 117 17.92 -17.43 -19.49
C VAL E 117 17.94 -16.01 -20.06
N THR E 118 17.17 -15.75 -21.10
CA THR E 118 17.12 -14.45 -21.76
C THR E 118 15.80 -13.78 -21.42
N ILE E 119 15.87 -12.57 -20.90
CA ILE E 119 14.67 -11.80 -20.60
C ILE E 119 14.12 -11.21 -21.89
N MET E 120 12.81 -11.17 -21.99
CA MET E 120 12.08 -10.74 -23.17
C MET E 120 11.00 -9.75 -22.75
N PRO E 121 10.47 -8.97 -23.69
CA PRO E 121 9.40 -8.01 -23.33
C PRO E 121 8.20 -8.67 -22.67
N LYS E 122 7.84 -9.89 -23.07
CA LYS E 122 6.73 -10.58 -22.41
C LYS E 122 7.08 -10.93 -20.96
N ASP E 123 8.36 -11.10 -20.65
CA ASP E 123 8.76 -11.28 -19.26
C ASP E 123 8.47 -10.03 -18.43
N ILE E 124 8.76 -8.86 -18.99
CA ILE E 124 8.47 -7.60 -18.30
C ILE E 124 6.97 -7.40 -18.17
N GLN E 125 6.22 -7.71 -19.23
CA GLN E 125 4.78 -7.51 -19.21
C GLN E 125 4.12 -8.40 -18.17
N LEU E 126 4.57 -9.64 -18.04
CA LEU E 126 3.99 -10.53 -17.03
C LEU E 126 4.31 -10.04 -15.62
N ALA E 127 5.55 -9.60 -15.39
CA ALA E 127 5.93 -9.13 -14.06
C ALA E 127 5.14 -7.90 -13.65
N ARG E 128 4.92 -6.97 -14.59
CA ARG E 128 4.14 -5.78 -14.28
C ARG E 128 2.66 -6.10 -14.12
N ARG E 129 2.15 -7.09 -14.87
CA ARG E 129 0.77 -7.51 -14.70
C ARG E 129 0.54 -8.09 -13.31
N ILE E 130 1.44 -8.95 -12.85
CA ILE E 130 1.28 -9.56 -11.54
C ILE E 130 1.45 -8.53 -10.44
N ARG E 131 2.38 -7.59 -10.61
CA ARG E 131 2.59 -6.55 -9.61
C ARG E 131 1.37 -5.65 -9.45
N GLY E 132 0.51 -5.59 -10.47
CA GLY E 132 -0.63 -4.71 -10.47
C GLY E 132 -0.47 -3.44 -11.27
N GLU E 133 0.63 -3.28 -11.99
CA GLU E 133 0.86 -2.09 -12.81
C GLU E 133 0.05 -2.16 -14.11
N VAL F 21 16.49 19.93 -20.83
CA VAL F 21 15.09 19.70 -21.18
C VAL F 21 15.03 18.97 -22.52
N LEU F 22 15.03 19.75 -23.61
CA LEU F 22 15.18 19.23 -24.96
C LEU F 22 14.00 18.35 -25.35
N ARG F 23 14.10 17.67 -26.49
CA ARG F 23 13.10 16.73 -26.97
C ARG F 23 13.75 15.36 -27.19
N ASP F 24 12.93 14.32 -27.09
CA ASP F 24 13.35 12.94 -27.36
C ASP F 24 14.56 12.55 -26.49
N ASN F 25 14.45 12.84 -25.19
CA ASN F 25 15.53 12.53 -24.26
C ASN F 25 15.45 11.11 -23.72
N ILE F 26 14.40 10.36 -24.06
CA ILE F 26 14.32 8.97 -23.63
C ILE F 26 15.44 8.13 -24.24
N GLN F 27 15.94 8.55 -25.40
CA GLN F 27 17.09 7.88 -26.00
C GLN F 27 18.37 8.10 -25.19
N GLY F 28 18.39 9.13 -24.33
CA GLY F 28 19.51 9.32 -23.44
C GLY F 28 19.73 8.18 -22.47
N ILE F 29 18.68 7.41 -22.19
CA ILE F 29 18.82 6.17 -21.42
C ILE F 29 19.34 5.11 -22.39
N THR F 30 20.66 4.99 -22.47
CA THR F 30 21.28 4.20 -23.51
C THR F 30 21.16 2.71 -23.24
N LYS F 31 21.42 1.93 -24.28
CA LYS F 31 21.45 0.47 -24.13
C LYS F 31 22.48 0.00 -23.11
N PRO F 32 23.71 0.50 -23.07
CA PRO F 32 24.63 0.09 -21.99
C PRO F 32 24.11 0.43 -20.60
N ALA F 33 23.38 1.54 -20.44
CA ALA F 33 22.84 1.89 -19.14
C ALA F 33 21.75 0.92 -18.73
N ILE F 34 20.87 0.54 -19.67
CA ILE F 34 19.84 -0.45 -19.38
C ILE F 34 20.48 -1.81 -19.05
N ARG F 35 21.57 -2.15 -19.75
CA ARG F 35 22.26 -3.40 -19.47
C ARG F 35 22.82 -3.42 -18.06
N ARG F 36 23.38 -2.30 -17.60
CA ARG F 36 23.92 -2.24 -16.24
C ARG F 36 22.83 -2.43 -15.20
N LEU F 37 21.66 -1.84 -15.43
CA LEU F 37 20.53 -2.04 -14.52
C LEU F 37 20.10 -3.50 -14.49
N ALA F 38 20.10 -4.15 -15.66
CA ALA F 38 19.76 -5.56 -15.71
C ALA F 38 20.81 -6.41 -15.00
N ARG F 39 22.08 -6.04 -15.11
CA ARG F 39 23.13 -6.76 -14.41
C ARG F 39 22.94 -6.67 -12.90
N ARG F 40 22.61 -5.48 -12.39
CA ARG F 40 22.33 -5.34 -10.97
C ARG F 40 21.11 -6.16 -10.56
N GLY F 41 20.16 -6.35 -11.46
CA GLY F 41 19.04 -7.24 -11.23
C GLY F 41 19.33 -8.70 -11.42
N GLY F 42 20.59 -9.05 -11.74
CA GLY F 42 20.96 -10.44 -11.91
C GLY F 42 20.58 -11.06 -13.23
N VAL F 43 20.43 -10.25 -14.28
CA VAL F 43 20.03 -10.75 -15.59
C VAL F 43 21.28 -11.11 -16.39
N LYS F 44 21.31 -12.34 -16.90
CA LYS F 44 22.45 -12.85 -17.65
C LYS F 44 22.37 -12.56 -19.14
N ARG F 45 21.20 -12.70 -19.74
CA ARG F 45 21.02 -12.52 -21.17
C ARG F 45 19.84 -11.61 -21.44
N ILE F 46 20.01 -10.68 -22.37
CA ILE F 46 19.02 -9.64 -22.64
C ILE F 46 18.66 -9.67 -24.11
N SER F 47 17.37 -9.77 -24.42
CA SER F 47 16.92 -9.70 -25.80
C SER F 47 16.99 -8.26 -26.30
N GLY F 48 17.12 -8.12 -27.63
CA GLY F 48 17.27 -6.80 -28.22
C GLY F 48 16.07 -5.90 -28.08
N LEU F 49 14.88 -6.49 -27.91
CA LEU F 49 13.65 -5.71 -27.77
C LEU F 49 13.43 -5.20 -26.35
N ILE F 50 14.28 -5.58 -25.41
CA ILE F 50 14.10 -5.16 -24.02
C ILE F 50 14.30 -3.66 -23.87
N TYR F 51 15.26 -3.10 -24.61
CA TYR F 51 15.65 -1.71 -24.41
C TYR F 51 14.51 -0.74 -24.73
N GLU F 52 13.77 -1.01 -25.81
CA GLU F 52 12.62 -0.17 -26.13
C GLU F 52 11.50 -0.34 -25.10
N GLU F 53 11.27 -1.57 -24.64
CA GLU F 53 10.26 -1.80 -23.60
C GLU F 53 10.66 -1.16 -22.29
N THR F 54 11.94 -1.21 -21.94
CA THR F 54 12.42 -0.62 -20.69
C THR F 54 12.24 0.89 -20.71
N ARG F 55 12.50 1.53 -21.86
CA ARG F 55 12.33 2.97 -21.96
C ARG F 55 10.88 3.38 -21.76
N GLY F 56 9.95 2.61 -22.32
CA GLY F 56 8.54 2.90 -22.12
C GLY F 56 8.11 2.74 -20.67
N VAL F 57 8.64 1.72 -19.99
CA VAL F 57 8.32 1.49 -18.59
C VAL F 57 8.85 2.63 -17.73
N LEU F 58 10.09 3.06 -17.99
CA LEU F 58 10.68 4.15 -17.21
C LEU F 58 9.91 5.45 -17.42
N LYS F 59 9.50 5.73 -18.65
CA LYS F 59 8.75 6.96 -18.91
C LYS F 59 7.41 6.96 -18.18
N VAL F 60 6.72 5.81 -18.15
CA VAL F 60 5.47 5.71 -17.42
C VAL F 60 5.70 5.93 -15.93
N PHE F 61 6.76 5.33 -15.39
CA PHE F 61 7.07 5.50 -13.97
C PHE F 61 7.40 6.95 -13.66
N LEU F 62 8.19 7.60 -14.50
CA LEU F 62 8.59 8.98 -14.24
C LEU F 62 7.41 9.94 -14.40
N GLU F 63 6.53 9.67 -15.36
CA GLU F 63 5.37 10.53 -15.55
C GLU F 63 4.47 10.52 -14.31
N ASN F 64 4.28 9.36 -13.69
CA ASN F 64 3.45 9.29 -12.49
C ASN F 64 4.09 10.02 -11.32
N VAL F 65 5.39 9.84 -11.12
CA VAL F 65 6.06 10.46 -9.98
C VAL F 65 6.17 11.97 -10.17
N ILE F 66 6.55 12.41 -11.38
CA ILE F 66 6.77 13.83 -11.62
C ILE F 66 5.44 14.58 -11.58
N ARG F 67 4.36 13.97 -12.08
CA ARG F 67 3.06 14.61 -12.04
C ARG F 67 2.63 14.89 -10.60
N ASP F 68 2.83 13.94 -9.70
CA ASP F 68 2.48 14.16 -8.30
C ASP F 68 3.42 15.14 -7.64
N ALA F 69 4.72 15.11 -7.98
CA ALA F 69 5.68 16.05 -7.41
C ALA F 69 5.35 17.47 -7.81
N VAL F 70 4.99 17.69 -9.08
CA VAL F 70 4.59 19.02 -9.52
C VAL F 70 3.30 19.45 -8.84
N THR F 71 2.38 18.51 -8.59
CA THR F 71 1.15 18.84 -7.88
C THR F 71 1.46 19.33 -6.47
N TYR F 72 2.39 18.67 -5.77
CA TYR F 72 2.84 19.17 -4.48
C TYR F 72 3.49 20.54 -4.61
N THR F 73 4.29 20.74 -5.66
CA THR F 73 4.94 22.03 -5.88
C THR F 73 3.89 23.12 -6.17
N GLU F 74 2.88 22.80 -6.98
CA GLU F 74 1.86 23.78 -7.31
C GLU F 74 1.06 24.19 -6.08
N HIS F 75 0.75 23.23 -5.20
CA HIS F 75 0.00 23.55 -3.99
C HIS F 75 0.77 24.50 -3.09
N ALA F 76 2.08 24.32 -3.00
CA ALA F 76 2.94 25.20 -2.21
C ALA F 76 3.16 26.56 -2.87
N LYS F 77 2.61 26.77 -4.07
CA LYS F 77 2.79 28.01 -4.84
C LYS F 77 4.27 28.27 -5.11
N ARG F 78 5.01 27.20 -5.39
CA ARG F 78 6.43 27.28 -5.74
C ARG F 78 6.61 27.03 -7.23
N LYS F 79 7.77 27.45 -7.73
CA LYS F 79 8.17 27.16 -9.10
C LYS F 79 9.31 26.16 -9.17
N THR F 80 9.83 25.72 -8.03
CA THR F 80 10.98 24.82 -7.97
C THR F 80 10.54 23.51 -7.34
N VAL F 81 10.78 22.41 -8.04
CA VAL F 81 10.50 21.08 -7.51
C VAL F 81 11.63 20.72 -6.55
N THR F 82 11.27 20.43 -5.29
CA THR F 82 12.24 20.12 -4.26
C THR F 82 12.33 18.61 -4.05
N ALA F 83 13.34 18.20 -3.29
CA ALA F 83 13.49 16.79 -2.95
C ALA F 83 12.32 16.29 -2.14
N MET F 84 11.78 17.13 -1.24
CA MET F 84 10.65 16.72 -0.43
C MET F 84 9.42 16.46 -1.29
N ASP F 85 9.21 17.28 -2.32
CA ASP F 85 8.09 17.06 -3.24
C ASP F 85 8.19 15.69 -3.91
N VAL F 86 9.40 15.31 -4.33
CA VAL F 86 9.62 13.99 -4.91
C VAL F 86 9.41 12.90 -3.87
N VAL F 87 9.90 13.13 -2.65
CA VAL F 87 9.76 12.14 -1.58
C VAL F 87 8.29 11.94 -1.23
N TYR F 88 7.52 13.02 -1.13
CA TYR F 88 6.09 12.90 -0.85
C TYR F 88 5.37 12.19 -1.98
N ALA F 89 5.72 12.52 -3.22
CA ALA F 89 5.12 11.86 -4.37
C ALA F 89 5.42 10.35 -4.38
N LEU F 90 6.66 9.99 -4.06
CA LEU F 90 7.02 8.57 -4.00
C LEU F 90 6.30 7.87 -2.86
N LYS F 91 6.20 8.52 -1.69
CA LYS F 91 5.45 7.95 -0.58
C LYS F 91 3.97 7.78 -0.95
N ARG F 92 3.43 8.75 -1.70
CA ARG F 92 2.04 8.65 -2.15
C ARG F 92 1.80 7.41 -3.00
N GLN F 93 2.81 6.95 -3.72
CA GLN F 93 2.70 5.80 -4.60
C GLN F 93 3.17 4.50 -3.95
N GLY F 94 3.37 4.50 -2.63
CA GLY F 94 3.83 3.29 -1.96
C GLY F 94 5.28 2.95 -2.20
N ARG F 95 6.11 3.93 -2.54
CA ARG F 95 7.51 3.72 -2.87
C ARG F 95 8.39 4.66 -2.06
N THR F 96 8.17 4.66 -0.74
CA THR F 96 8.89 5.57 0.15
C THR F 96 10.39 5.42 0.01
N LEU F 97 11.09 6.55 -0.04
CA LEU F 97 12.52 6.62 -0.27
C LEU F 97 13.21 7.27 0.91
N TYR F 98 14.26 6.64 1.42
CA TYR F 98 15.05 7.17 2.52
C TYR F 98 16.29 7.88 1.98
N GLY F 99 16.73 8.90 2.70
CA GLY F 99 17.99 9.56 2.41
C GLY F 99 17.90 10.93 1.77
N PHE F 100 16.71 11.52 1.68
CA PHE F 100 16.56 12.85 1.09
C PHE F 100 15.69 13.76 1.95
N GLY F 101 15.48 13.40 3.21
CA GLY F 101 14.66 14.21 4.11
C GLY F 101 13.31 13.57 4.42
N ARG G 11 -34.73 34.51 14.50
CA ARG G 11 -33.85 33.96 13.49
C ARG G 11 -34.56 33.84 12.15
N ALA G 12 -33.78 33.76 11.07
CA ALA G 12 -34.32 33.45 9.77
C ALA G 12 -34.53 31.94 9.63
N LYS G 13 -35.19 31.54 8.54
CA LYS G 13 -35.40 30.12 8.29
C LYS G 13 -34.07 29.42 8.11
N ALA G 14 -33.92 28.27 8.78
CA ALA G 14 -32.67 27.52 8.77
C ALA G 14 -32.53 26.79 7.44
N LYS G 15 -31.51 27.15 6.67
CA LYS G 15 -31.21 26.51 5.40
C LYS G 15 -29.98 25.64 5.57
N THR G 16 -30.08 24.38 5.16
CA THR G 16 -28.93 23.49 5.21
C THR G 16 -27.87 23.94 4.22
N ARG G 17 -26.61 23.73 4.60
CA ARG G 17 -25.50 24.13 3.73
C ARG G 17 -25.48 23.32 2.45
N SER G 18 -25.98 22.09 2.48
CA SER G 18 -26.08 21.28 1.26
C SER G 18 -27.01 21.93 0.25
N SER G 19 -28.16 22.43 0.69
CA SER G 19 -29.07 23.12 -0.21
C SER G 19 -28.45 24.41 -0.75
N ARG G 20 -27.70 25.12 0.11
CA ARG G 20 -27.04 26.33 -0.34
C ARG G 20 -26.02 26.03 -1.44
N ALA G 21 -25.28 24.93 -1.29
CA ALA G 21 -24.29 24.50 -2.28
C ALA G 21 -24.90 23.68 -3.41
N GLY G 22 -26.20 23.42 -3.37
CA GLY G 22 -26.83 22.59 -4.38
C GLY G 22 -26.37 21.16 -4.39
N LEU G 23 -26.28 20.54 -3.22
CA LEU G 23 -25.75 19.18 -3.09
C LEU G 23 -26.74 18.31 -2.34
N GLN G 24 -26.71 17.01 -2.66
CA GLN G 24 -27.52 16.03 -1.93
C GLN G 24 -26.78 15.47 -0.72
N PHE G 25 -25.46 15.42 -0.76
CA PHE G 25 -24.67 14.90 0.34
C PHE G 25 -24.60 15.94 1.47
N PRO G 26 -24.48 15.48 2.72
CA PRO G 26 -24.57 16.40 3.88
C PRO G 26 -23.29 17.19 4.08
N VAL G 27 -23.35 18.50 3.82
CA VAL G 27 -22.20 19.35 4.06
C VAL G 27 -21.91 19.45 5.56
N GLY G 28 -22.96 19.61 6.36
CA GLY G 28 -22.77 19.75 7.80
C GLY G 28 -22.14 18.52 8.44
N ARG G 29 -22.58 17.34 8.03
CA ARG G 29 -22.01 16.11 8.57
C ARG G 29 -20.55 15.95 8.15
N VAL G 30 -20.23 16.27 6.89
CA VAL G 30 -18.85 16.18 6.43
C VAL G 30 -17.96 17.15 7.21
N HIS G 31 -18.47 18.36 7.50
CA HIS G 31 -17.71 19.30 8.30
C HIS G 31 -17.43 18.77 9.70
N ARG G 32 -18.44 18.17 10.33
CA ARG G 32 -18.23 17.61 11.66
C ARG G 32 -17.27 16.44 11.62
N LEU G 33 -17.38 15.58 10.60
CA LEU G 33 -16.47 14.45 10.49
C LEU G 33 -15.03 14.91 10.27
N LEU G 34 -14.84 15.97 9.50
CA LEU G 34 -13.51 16.54 9.33
C LEU G 34 -12.99 17.09 10.65
N ARG G 35 -13.85 17.76 11.43
CA ARG G 35 -13.42 18.37 12.68
C ARG G 35 -13.01 17.32 13.71
N LYS G 36 -13.80 16.25 13.84
CA LYS G 36 -13.54 15.22 14.83
C LYS G 36 -12.67 14.09 14.30
N GLY G 37 -12.30 14.12 13.02
CA GLY G 37 -11.45 13.10 12.45
C GLY G 37 -9.97 13.28 12.70
N ASN G 38 -9.59 14.35 13.40
CA ASN G 38 -8.19 14.64 13.70
C ASN G 38 -7.35 14.80 12.43
N TYR G 39 -7.80 15.69 11.56
CA TYR G 39 -7.09 16.00 10.32
C TYR G 39 -6.33 17.31 10.41
N ALA G 40 -6.96 18.33 10.97
CA ALA G 40 -6.30 19.60 11.26
C ALA G 40 -7.07 20.27 12.40
N GLU G 41 -6.42 21.22 13.06
CA GLU G 41 -7.08 21.91 14.17
C GLU G 41 -8.14 22.88 13.70
N ARG G 42 -8.10 23.29 12.44
CA ARG G 42 -9.12 24.15 11.86
C ARG G 42 -9.56 23.59 10.51
N VAL G 43 -10.82 23.83 10.17
CA VAL G 43 -11.39 23.42 8.89
C VAL G 43 -12.02 24.64 8.23
N GLY G 44 -11.67 24.88 6.96
CA GLY G 44 -12.23 26.01 6.26
C GLY G 44 -13.71 25.84 5.97
N ALA G 45 -14.36 26.96 5.65
CA ALA G 45 -15.78 26.92 5.35
C ALA G 45 -16.06 26.16 4.07
N GLY G 46 -15.23 26.34 3.04
CA GLY G 46 -15.43 25.69 1.76
C GLY G 46 -14.90 24.29 1.65
N ALA G 47 -14.09 23.84 2.61
CA ALA G 47 -13.54 22.48 2.53
C ALA G 47 -14.62 21.40 2.60
N PRO G 48 -15.55 21.40 3.55
CA PRO G 48 -16.61 20.37 3.52
C PRO G 48 -17.51 20.47 2.30
N VAL G 49 -17.73 21.68 1.78
CA VAL G 49 -18.54 21.83 0.57
C VAL G 49 -17.85 21.18 -0.62
N TYR G 50 -16.55 21.44 -0.78
CA TYR G 50 -15.78 20.83 -1.86
C TYR G 50 -15.75 19.32 -1.71
N LEU G 51 -15.52 18.82 -0.49
CA LEU G 51 -15.41 17.39 -0.28
C LEU G 51 -16.76 16.69 -0.49
N ALA G 52 -17.84 17.29 0.00
CA ALA G 52 -19.16 16.69 -0.19
C ALA G 52 -19.53 16.62 -1.67
N ALA G 53 -19.19 17.66 -2.43
CA ALA G 53 -19.47 17.65 -3.86
C ALA G 53 -18.69 16.55 -4.58
N VAL G 54 -17.43 16.35 -4.20
CA VAL G 54 -16.61 15.31 -4.81
C VAL G 54 -17.18 13.93 -4.48
N LEU G 55 -17.58 13.72 -3.22
CA LEU G 55 -18.16 12.44 -2.84
C LEU G 55 -19.46 12.19 -3.58
N GLU G 56 -20.29 13.22 -3.75
CA GLU G 56 -21.52 13.07 -4.49
C GLU G 56 -21.27 12.75 -5.95
N TYR G 57 -20.26 13.38 -6.56
CA TYR G 57 -19.94 13.10 -7.95
C TYR G 57 -19.48 11.66 -8.14
N LEU G 58 -18.60 11.17 -7.26
CA LEU G 58 -18.10 9.81 -7.39
C LEU G 58 -19.20 8.78 -7.17
N THR G 59 -20.10 9.05 -6.21
CA THR G 59 -21.23 8.16 -5.99
C THR G 59 -22.12 8.11 -7.22
N ALA G 60 -22.37 9.26 -7.85
CA ALA G 60 -23.20 9.29 -9.05
C ALA G 60 -22.55 8.55 -10.20
N GLU G 61 -21.23 8.62 -10.32
CA GLU G 61 -20.53 7.90 -11.38
C GLU G 61 -20.72 6.40 -11.25
N ILE G 62 -20.56 5.87 -10.04
CA ILE G 62 -20.70 4.43 -9.84
C ILE G 62 -22.15 4.00 -9.97
N LEU G 63 -23.08 4.77 -9.39
CA LEU G 63 -24.48 4.39 -9.42
C LEU G 63 -25.04 4.42 -10.85
N GLU G 64 -24.60 5.39 -11.66
CA GLU G 64 -25.04 5.43 -13.05
C GLU G 64 -24.54 4.22 -13.81
N LEU G 65 -23.27 3.86 -13.63
CA LEU G 65 -22.72 2.69 -14.31
C LEU G 65 -23.34 1.40 -13.78
N ALA G 66 -23.54 1.31 -12.46
CA ALA G 66 -24.14 0.11 -11.89
C ALA G 66 -25.60 -0.03 -12.30
N GLY G 67 -26.32 1.08 -12.41
CA GLY G 67 -27.70 1.02 -12.87
C GLY G 67 -27.80 0.54 -14.31
N ASN G 68 -26.84 0.92 -15.16
CA ASN G 68 -26.80 0.40 -16.52
C ASN G 68 -26.53 -1.10 -16.52
N ALA G 69 -25.62 -1.56 -15.65
CA ALA G 69 -25.35 -3.00 -15.55
C ALA G 69 -26.59 -3.75 -15.07
N ALA G 70 -27.30 -3.19 -14.09
CA ALA G 70 -28.53 -3.83 -13.62
C ALA G 70 -29.58 -3.88 -14.72
N ARG G 71 -29.67 -2.81 -15.52
CA ARG G 71 -30.61 -2.80 -16.63
C ARG G 71 -30.24 -3.82 -17.70
N ASP G 72 -28.94 -4.06 -17.91
CA ASP G 72 -28.51 -5.04 -18.88
C ASP G 72 -28.95 -6.44 -18.51
N ASN G 73 -28.86 -6.79 -17.22
CA ASN G 73 -29.26 -8.10 -16.72
C ASN G 73 -30.75 -8.18 -16.41
N LYS G 74 -31.55 -7.25 -16.93
CA LYS G 74 -33.00 -7.24 -16.72
C LYS G 74 -33.35 -7.22 -15.24
N LYS G 75 -32.64 -6.40 -14.48
CA LYS G 75 -32.89 -6.23 -13.05
C LYS G 75 -33.24 -4.76 -12.77
N THR G 76 -34.18 -4.55 -11.86
CA THR G 76 -34.55 -3.22 -11.44
C THR G 76 -33.87 -2.79 -10.14
N ARG G 77 -33.10 -3.68 -9.53
CA ARG G 77 -32.46 -3.41 -8.24
C ARG G 77 -30.97 -3.65 -8.36
N ILE G 78 -30.17 -2.68 -7.91
CA ILE G 78 -28.72 -2.82 -7.94
C ILE G 78 -28.27 -3.76 -6.83
N ILE G 79 -27.45 -4.74 -7.19
CA ILE G 79 -26.92 -5.70 -6.23
C ILE G 79 -25.40 -5.59 -6.25
N PRO G 80 -24.68 -6.23 -5.34
CA PRO G 80 -23.21 -6.13 -5.36
C PRO G 80 -22.57 -6.54 -6.68
N ARG G 81 -23.20 -7.47 -7.42
CA ARG G 81 -22.64 -7.87 -8.71
C ARG G 81 -22.60 -6.72 -9.69
N HIS G 82 -23.65 -5.88 -9.71
CA HIS G 82 -23.68 -4.76 -10.65
C HIS G 82 -22.65 -3.70 -10.29
N LEU G 83 -22.41 -3.48 -9.00
CA LEU G 83 -21.36 -2.56 -8.60
C LEU G 83 -19.99 -3.06 -9.04
N GLN G 84 -19.75 -4.37 -8.90
CA GLN G 84 -18.47 -4.94 -9.32
C GLN G 84 -18.28 -4.84 -10.82
N LEU G 85 -19.33 -5.12 -11.60
CA LEU G 85 -19.24 -4.99 -13.05
C LEU G 85 -18.97 -3.55 -13.46
N ALA G 86 -19.65 -2.60 -12.81
CA ALA G 86 -19.47 -1.20 -13.14
C ALA G 86 -18.05 -0.73 -12.85
N VAL G 87 -17.51 -1.10 -11.69
CA VAL G 87 -16.19 -0.61 -11.28
C VAL G 87 -15.11 -1.21 -12.17
N ARG G 88 -15.13 -2.52 -12.36
CA ARG G 88 -14.05 -3.19 -13.06
C ARG G 88 -14.07 -2.96 -14.57
N ASN G 89 -15.23 -2.68 -15.15
CA ASN G 89 -15.31 -2.37 -16.57
C ASN G 89 -14.98 -0.92 -16.88
N ASP G 90 -14.91 -0.06 -15.86
CA ASP G 90 -14.50 1.33 -16.03
C ASP G 90 -13.03 1.45 -15.68
N GLU G 91 -12.23 1.95 -16.63
CA GLU G 91 -10.78 1.96 -16.44
C GLU G 91 -10.37 2.85 -15.27
N GLU G 92 -11.00 4.02 -15.15
CA GLU G 92 -10.61 4.98 -14.12
C GLU G 92 -11.13 4.57 -12.74
N LEU G 93 -12.34 4.02 -12.68
CA LEU G 93 -12.86 3.51 -11.42
C LEU G 93 -12.07 2.29 -10.96
N ASN G 94 -11.64 1.45 -11.90
CA ASN G 94 -10.86 0.27 -11.55
C ASN G 94 -9.53 0.65 -10.93
N LYS G 95 -8.90 1.72 -11.44
CA LYS G 95 -7.65 2.19 -10.84
C LYS G 95 -7.90 2.72 -9.42
N LEU G 96 -8.97 3.48 -9.23
CA LEU G 96 -9.25 4.05 -7.92
C LEU G 96 -9.53 2.97 -6.88
N LEU G 97 -10.22 1.90 -7.29
CA LEU G 97 -10.58 0.81 -6.39
C LEU G 97 -9.81 -0.47 -6.72
N GLY G 98 -8.54 -0.33 -7.09
CA GLY G 98 -7.75 -1.47 -7.52
C GLY G 98 -7.38 -2.43 -6.41
N ARG G 99 -7.31 -1.95 -5.17
CA ARG G 99 -6.98 -2.80 -4.03
C ARG G 99 -8.17 -2.98 -3.10
N VAL G 100 -9.39 -2.91 -3.65
CA VAL G 100 -10.61 -3.00 -2.88
C VAL G 100 -11.36 -4.26 -3.31
N THR G 101 -11.81 -5.04 -2.33
CA THR G 101 -12.64 -6.20 -2.57
C THR G 101 -14.11 -5.83 -2.31
N ILE G 102 -14.97 -6.13 -3.28
CA ILE G 102 -16.40 -5.90 -3.15
C ILE G 102 -17.05 -7.23 -2.81
N ALA G 103 -17.72 -7.28 -1.66
CA ALA G 103 -18.33 -8.52 -1.19
C ALA G 103 -19.46 -8.93 -2.12
N GLN G 104 -19.49 -10.23 -2.46
CA GLN G 104 -20.52 -10.80 -3.32
C GLN G 104 -20.54 -10.16 -4.70
N GLY G 105 -19.38 -9.68 -5.15
CA GLY G 105 -19.31 -9.04 -6.46
C GLY G 105 -18.86 -9.97 -7.56
N GLY G 106 -18.18 -11.05 -7.20
CA GLY G 106 -17.66 -11.95 -8.21
C GLY G 106 -16.47 -11.34 -8.95
N VAL G 107 -16.22 -11.89 -10.14
CA VAL G 107 -15.15 -11.42 -11.01
C VAL G 107 -15.73 -11.15 -12.39
N LEU G 108 -14.90 -10.57 -13.24
CA LEU G 108 -15.28 -10.34 -14.64
C LEU G 108 -15.07 -11.62 -15.45
N PRO G 109 -16.03 -11.98 -16.30
CA PRO G 109 -15.84 -13.15 -17.16
C PRO G 109 -14.65 -12.96 -18.10
N ASN G 110 -13.66 -13.81 -17.95
CA ASN G 110 -12.42 -13.67 -18.72
C ASN G 110 -11.76 -15.04 -18.82
N ILE G 111 -11.67 -15.57 -20.05
CA ILE G 111 -10.97 -16.81 -20.34
C ILE G 111 -9.86 -16.49 -21.33
N GLN G 112 -8.64 -16.89 -20.99
CA GLN G 112 -7.51 -16.64 -21.89
C GLN G 112 -7.69 -17.40 -23.19
N SER G 113 -7.32 -16.74 -24.30
CA SER G 113 -7.56 -17.31 -25.62
C SER G 113 -6.82 -18.62 -25.83
N VAL G 114 -5.69 -18.81 -25.15
CA VAL G 114 -4.93 -20.04 -25.30
C VAL G 114 -5.72 -21.23 -24.74
N LEU G 115 -6.56 -20.99 -23.75
CA LEU G 115 -7.34 -22.06 -23.13
C LEU G 115 -8.57 -22.45 -23.94
N LEU G 116 -8.97 -21.63 -24.90
CA LEU G 116 -10.13 -21.95 -25.72
C LEU G 116 -9.78 -23.06 -26.72
N PRO G 117 -10.73 -23.93 -27.04
CA PRO G 117 -10.45 -24.98 -28.03
C PRO G 117 -10.25 -24.40 -29.42
N LYS G 118 -9.43 -25.10 -30.21
CA LYS G 118 -9.13 -24.66 -31.57
C LYS G 118 -9.78 -25.58 -32.59
N THR H 29 -28.59 2.78 19.89
CA THR H 29 -28.39 4.17 19.52
C THR H 29 -28.45 4.37 18.00
N ARG H 30 -28.24 5.61 17.57
CA ARG H 30 -28.29 5.94 16.15
C ARG H 30 -26.94 5.68 15.50
N LYS H 31 -26.95 4.90 14.43
CA LYS H 31 -25.76 4.62 13.63
C LYS H 31 -25.86 5.40 12.33
N GLU H 32 -25.07 6.47 12.22
CA GLU H 32 -25.11 7.31 11.03
C GLU H 32 -24.46 6.62 9.85
N SER H 33 -25.05 6.80 8.67
CA SER H 33 -24.51 6.27 7.43
C SER H 33 -24.89 7.22 6.30
N TYR H 34 -24.41 6.90 5.10
CA TYR H 34 -24.67 7.71 3.92
C TYR H 34 -25.81 7.15 3.08
N ALA H 35 -26.56 6.19 3.61
CA ALA H 35 -27.55 5.46 2.80
C ALA H 35 -28.60 6.39 2.25
N ILE H 36 -29.13 7.30 3.08
CA ILE H 36 -30.22 8.17 2.62
C ILE H 36 -29.71 9.14 1.56
N TYR H 37 -28.46 9.56 1.64
CA TYR H 37 -27.90 10.44 0.61
C TYR H 37 -27.56 9.67 -0.67
N VAL H 38 -27.07 8.44 -0.53
CA VAL H 38 -26.82 7.62 -1.71
C VAL H 38 -28.12 7.32 -2.43
N TYR H 39 -29.20 7.09 -1.68
CA TYR H 39 -30.50 6.86 -2.29
C TYR H 39 -30.99 8.08 -3.07
N LYS H 40 -30.77 9.28 -2.53
CA LYS H 40 -31.15 10.50 -3.23
C LYS H 40 -30.38 10.65 -4.53
N VAL H 41 -29.09 10.33 -4.52
CA VAL H 41 -28.29 10.39 -5.74
C VAL H 41 -28.78 9.34 -6.74
N LEU H 42 -29.14 8.16 -6.26
CA LEU H 42 -29.60 7.09 -7.14
C LEU H 42 -30.88 7.49 -7.87
N LYS H 43 -31.80 8.16 -7.18
CA LYS H 43 -33.03 8.62 -7.81
C LYS H 43 -32.78 9.70 -8.85
N GLN H 44 -31.65 10.43 -8.74
CA GLN H 44 -31.33 11.45 -9.73
C GLN H 44 -30.87 10.83 -11.04
N VAL H 45 -30.02 9.80 -10.96
CA VAL H 45 -29.47 9.18 -12.17
C VAL H 45 -30.29 7.99 -12.64
N HIS H 46 -31.10 7.38 -11.77
CA HIS H 46 -31.91 6.23 -12.14
C HIS H 46 -33.17 6.25 -11.29
N PRO H 47 -34.17 7.03 -11.70
CA PRO H 47 -35.37 7.19 -10.86
C PRO H 47 -36.15 5.89 -10.65
N ASP H 48 -36.05 4.93 -11.55
CA ASP H 48 -36.82 3.69 -11.45
C ASP H 48 -36.00 2.51 -10.96
N THR H 49 -34.74 2.72 -10.58
CA THR H 49 -33.85 1.65 -10.15
C THR H 49 -33.66 1.71 -8.65
N GLY H 50 -33.85 0.56 -7.99
CA GLY H 50 -33.59 0.44 -6.57
C GLY H 50 -32.20 -0.08 -6.29
N ILE H 51 -31.95 -0.35 -5.01
CA ILE H 51 -30.65 -0.86 -4.56
C ILE H 51 -30.88 -1.80 -3.39
N SER H 52 -30.11 -2.89 -3.38
CA SER H 52 -30.22 -3.87 -2.30
C SER H 52 -29.47 -3.38 -1.05
N SER H 53 -29.81 -3.99 0.08
CA SER H 53 -29.18 -3.59 1.34
C SER H 53 -27.70 -3.91 1.35
N LYS H 54 -27.30 -5.05 0.78
CA LYS H 54 -25.88 -5.38 0.69
C LYS H 54 -25.16 -4.42 -0.24
N ALA H 55 -25.78 -4.05 -1.36
CA ALA H 55 -25.19 -3.06 -2.26
C ALA H 55 -25.13 -1.69 -1.61
N MET H 56 -26.11 -1.34 -0.80
CA MET H 56 -26.08 -0.07 -0.07
C MET H 56 -24.94 -0.03 0.92
N SER H 57 -24.65 -1.16 1.58
CA SER H 57 -23.52 -1.22 2.50
C SER H 57 -22.20 -1.01 1.76
N ILE H 58 -22.09 -1.55 0.55
CA ILE H 58 -20.88 -1.34 -0.25
C ILE H 58 -20.74 0.13 -0.63
N MET H 59 -21.84 0.77 -1.01
CA MET H 59 -21.80 2.18 -1.34
C MET H 59 -21.43 3.02 -0.12
N ASN H 60 -21.97 2.67 1.06
CA ASN H 60 -21.58 3.34 2.28
C ASN H 60 -20.11 3.11 2.58
N SER H 61 -19.62 1.89 2.34
CA SER H 61 -18.20 1.61 2.50
C SER H 61 -17.35 2.42 1.54
N PHE H 62 -17.84 2.60 0.30
CA PHE H 62 -17.07 3.36 -0.69
C PHE H 62 -16.96 4.83 -0.32
N VAL H 63 -18.05 5.42 0.20
CA VAL H 63 -18.02 6.84 0.54
C VAL H 63 -17.09 7.08 1.72
N ASN H 64 -17.15 6.24 2.74
CA ASN H 64 -16.24 6.39 3.89
C ASN H 64 -14.79 6.20 3.48
N ASP H 65 -14.53 5.24 2.59
CA ASP H 65 -13.17 5.00 2.12
C ASP H 65 -12.61 6.20 1.39
N VAL H 66 -13.38 6.76 0.44
CA VAL H 66 -12.90 7.91 -0.32
C VAL H 66 -12.77 9.13 0.57
N PHE H 67 -13.68 9.29 1.53
CA PHE H 67 -13.59 10.39 2.48
C PHE H 67 -12.28 10.33 3.26
N GLU H 68 -11.93 9.14 3.76
CA GLU H 68 -10.72 9.00 4.56
C GLU H 68 -9.47 9.24 3.72
N ARG H 69 -9.48 8.81 2.46
CA ARG H 69 -8.32 9.02 1.60
C ARG H 69 -8.11 10.51 1.30
N ILE H 70 -9.18 11.21 0.95
CA ILE H 70 -9.06 12.63 0.61
C ILE H 70 -8.70 13.45 1.85
N ALA H 71 -9.41 13.19 2.96
CA ALA H 71 -9.14 13.94 4.18
C ALA H 71 -7.73 13.66 4.71
N GLY H 72 -7.28 12.40 4.59
CA GLY H 72 -5.92 12.09 4.99
C GLY H 72 -4.87 12.78 4.15
N GLU H 73 -5.06 12.78 2.84
CA GLU H 73 -4.11 13.48 1.95
C GLU H 73 -4.14 14.98 2.19
N ALA H 74 -5.34 15.55 2.36
CA ALA H 74 -5.44 16.98 2.63
C ALA H 74 -4.80 17.34 3.96
N SER H 75 -4.94 16.44 4.96
CA SER H 75 -4.31 16.68 6.25
C SER H 75 -2.79 16.70 6.13
N ARG H 76 -2.22 15.79 5.34
CA ARG H 76 -0.77 15.78 5.13
C ARG H 76 -0.33 17.01 4.35
N LEU H 77 -1.16 17.46 3.40
CA LEU H 77 -0.80 18.64 2.60
C LEU H 77 -0.68 19.88 3.47
N ALA H 78 -1.60 20.04 4.43
CA ALA H 78 -1.50 21.17 5.35
C ALA H 78 -0.28 21.06 6.24
N HIS H 79 0.07 19.84 6.65
CA HIS H 79 1.24 19.64 7.50
C HIS H 79 2.54 19.90 6.74
N TYR H 80 2.60 19.49 5.47
CA TYR H 80 3.82 19.72 4.69
C TYR H 80 4.07 21.20 4.47
N ASN H 81 3.02 22.00 4.39
CA ASN H 81 3.12 23.43 4.14
C ASN H 81 3.04 24.24 5.43
N LYS H 82 3.12 23.59 6.58
CA LYS H 82 3.07 24.25 7.89
C LYS H 82 1.79 25.07 8.06
N ARG H 83 0.69 24.53 7.55
CA ARG H 83 -0.63 25.14 7.70
C ARG H 83 -1.43 24.36 8.73
N SER H 84 -2.29 25.07 9.46
CA SER H 84 -3.08 24.46 10.51
C SER H 84 -4.55 24.26 10.14
N THR H 85 -4.97 24.73 8.97
CA THR H 85 -6.35 24.61 8.53
C THR H 85 -6.42 23.88 7.20
N ILE H 86 -7.45 23.06 7.04
CA ILE H 86 -7.74 22.41 5.77
C ILE H 86 -8.80 23.24 5.06
N THR H 87 -8.49 23.69 3.85
CA THR H 87 -9.37 24.51 3.05
C THR H 87 -9.74 23.77 1.77
N SER H 88 -10.57 24.40 0.94
CA SER H 88 -10.95 23.80 -0.32
C SER H 88 -9.74 23.63 -1.24
N ARG H 89 -8.73 24.48 -1.08
CA ARG H 89 -7.50 24.32 -1.87
C ARG H 89 -6.79 23.02 -1.54
N GLU H 90 -6.72 22.67 -0.25
CA GLU H 90 -6.12 21.40 0.14
C GLU H 90 -6.95 20.23 -0.37
N ILE H 91 -8.28 20.35 -0.34
CA ILE H 91 -9.14 19.30 -0.87
C ILE H 91 -8.95 19.14 -2.37
N GLN H 92 -8.82 20.27 -3.07
CA GLN H 92 -8.62 20.21 -4.52
C GLN H 92 -7.31 19.52 -4.88
N THR H 93 -6.23 19.82 -4.15
CA THR H 93 -4.95 19.17 -4.42
C THR H 93 -4.99 17.69 -4.06
N ALA H 94 -5.68 17.34 -2.97
CA ALA H 94 -5.81 15.95 -2.59
C ALA H 94 -6.62 15.17 -3.63
N VAL H 95 -7.66 15.78 -4.19
CA VAL H 95 -8.46 15.12 -5.22
C VAL H 95 -7.62 14.82 -6.45
N ARG H 96 -6.79 15.77 -6.87
CA ARG H 96 -5.94 15.56 -8.03
C ARG H 96 -4.91 14.47 -7.76
N LEU H 97 -4.36 14.43 -6.55
CA LEU H 97 -3.38 13.40 -6.21
C LEU H 97 -3.99 12.01 -6.19
N LEU H 98 -5.21 11.88 -5.66
CA LEU H 98 -5.83 10.59 -5.45
C LEU H 98 -6.67 10.11 -6.61
N LEU H 99 -7.12 11.01 -7.48
CA LEU H 99 -8.02 10.48 -8.50
C LEU H 99 -7.31 10.34 -9.83
N PRO H 100 -7.69 9.35 -10.63
CA PRO H 100 -7.08 9.20 -11.97
C PRO H 100 -7.45 10.35 -12.90
N GLY H 101 -6.95 10.29 -14.14
CA GLY H 101 -7.00 11.41 -15.06
C GLY H 101 -8.32 12.13 -15.25
N GLU H 102 -9.30 11.46 -15.87
CA GLU H 102 -10.57 12.13 -16.15
C GLU H 102 -11.43 12.27 -14.91
N LEU H 103 -11.31 11.34 -13.95
CA LEU H 103 -12.08 11.46 -12.71
C LEU H 103 -11.68 12.70 -11.94
N ALA H 104 -10.38 12.98 -11.85
CA ALA H 104 -9.92 14.16 -11.13
C ALA H 104 -10.41 15.45 -11.78
N LYS H 105 -10.37 15.51 -13.11
CA LYS H 105 -10.77 16.74 -13.80
C LYS H 105 -12.25 17.04 -13.57
N HIS H 106 -13.10 16.01 -13.62
CA HIS H 106 -14.53 16.24 -13.44
C HIS H 106 -14.88 16.47 -11.97
N ALA H 107 -14.20 15.77 -11.06
CA ALA H 107 -14.45 15.98 -9.64
C ALA H 107 -14.05 17.39 -9.21
N VAL H 108 -12.96 17.90 -9.77
CA VAL H 108 -12.54 19.26 -9.45
C VAL H 108 -13.57 20.26 -9.93
N SER H 109 -14.18 20.01 -11.09
CA SER H 109 -15.22 20.91 -11.59
C SER H 109 -16.45 20.90 -10.69
N GLU H 110 -16.87 19.72 -10.24
CA GLU H 110 -18.01 19.67 -9.31
C GLU H 110 -17.70 20.35 -7.99
N GLY H 111 -16.50 20.12 -7.46
CA GLY H 111 -16.13 20.77 -6.20
C GLY H 111 -16.03 22.27 -6.34
N THR H 112 -15.44 22.75 -7.44
CA THR H 112 -15.33 24.19 -7.66
C THR H 112 -16.70 24.81 -7.89
N LYS H 113 -17.57 24.15 -8.66
CA LYS H 113 -18.90 24.68 -8.93
C LYS H 113 -19.73 24.77 -7.65
N ALA H 114 -19.65 23.75 -6.80
CA ALA H 114 -20.39 23.78 -5.54
C ALA H 114 -19.88 24.88 -4.63
N VAL H 115 -18.55 25.04 -4.54
CA VAL H 115 -17.99 26.09 -3.70
C VAL H 115 -18.36 27.46 -4.24
N THR H 116 -18.29 27.66 -5.55
CA THR H 116 -18.70 28.93 -6.15
C THR H 116 -20.17 29.21 -5.88
N LYS H 117 -21.03 28.20 -6.06
CA LYS H 117 -22.45 28.37 -5.79
C LYS H 117 -22.71 28.60 -4.30
N TYR H 118 -21.94 27.94 -3.43
CA TYR H 118 -22.15 28.08 -1.99
C TYR H 118 -21.91 29.51 -1.53
N THR H 119 -20.74 30.07 -1.87
CA THR H 119 -20.41 31.43 -1.43
C THR H 119 -21.30 32.47 -2.10
N SER H 120 -21.87 32.17 -3.27
CA SER H 120 -22.80 33.11 -3.90
C SER H 120 -24.07 33.25 -3.07
N ALA H 121 -24.42 32.22 -2.31
CA ALA H 121 -25.57 32.24 -1.41
C ALA H 121 -25.16 32.15 0.05
N LYS H 122 -24.02 32.75 0.39
CA LYS H 122 -23.46 32.75 1.75
C LYS H 122 -23.06 31.35 2.24
#